data_6J1T
#
_entry.id   6J1T
#
_cell.length_a   46.642
_cell.length_b   80.381
_cell.length_c   73.299
_cell.angle_alpha   90.00
_cell.angle_beta   98.23
_cell.angle_gamma   90.00
#
_symmetry.space_group_name_H-M   'P 1 21 1'
#
loop_
_entity.id
_entity.type
_entity.pdbx_description
1 polymer 'Lipase B'
2 non-polymer (2S)-2-phenyl-N-[(1R)-1-phenylethyl]propanamide
3 non-polymer 'SULFATE ION'
4 non-polymer 'TRIETHYLENE GLYCOL'
5 non-polymer 1,2-ETHANEDIOL
6 non-polymer 'CHLORIDE ION'
7 non-polymer DI(HYDROXYETHYL)ETHER
8 water water
#
_entity_poly.entity_id   1
_entity_poly.type   'polypeptide(L)'
_entity_poly.pdbx_seq_one_letter_code
;GAMALPSGSDPAFSQPKSVLDAGLTCQGASPSSVSKPILLVPGTGTTGPQSFDSNWIPLSAQLGYTPCWISPPPFMLNDT
QVNTEYMVNAITTLYAGSGNNKLPVLTWSQGGLVAQWGLTFFPSIRSKVDRLMAFAPDYKGTVLAGPLDALAVSAPSVWQ
QTTGSALTTALRNAGGLTQIVPTTNLYSATDEICQPQVSNSPLDSSYLFNGKNVQAQAVCGPLFVIDHAGSLTSQFSYVV
GRSALRSTTGQARSADYGITDCNPLPANDLTPEQKVAAAALLAPGVAAIVAGPKQNCEPDLMPYARPFAVGKRTCSGIVT
P
;
_entity_poly.pdbx_strand_id   A,B
#
# COMPACT_ATOMS: atom_id res chain seq x y z
N ALA A 4 -6.75 16.99 -3.74
CA ALA A 4 -5.55 16.17 -3.90
C ALA A 4 -4.34 16.76 -3.15
N LEU A 5 -3.37 15.90 -2.85
CA LEU A 5 -2.14 16.31 -2.19
C LEU A 5 -1.27 17.10 -3.15
N PRO A 6 -0.34 17.91 -2.63
CA PRO A 6 0.68 18.53 -3.50
C PRO A 6 1.36 17.47 -4.36
N SER A 7 1.64 17.82 -5.61
CA SER A 7 2.31 16.88 -6.50
C SER A 7 3.48 17.53 -7.21
N GLY A 8 4.07 16.84 -8.19
CA GLY A 8 5.20 17.40 -8.90
C GLY A 8 6.50 17.28 -8.12
N SER A 9 7.41 18.21 -8.35
CA SER A 9 8.77 18.11 -7.85
C SER A 9 8.83 18.44 -6.37
N ASP A 10 9.84 17.87 -5.70
CA ASP A 10 10.12 18.22 -4.32
C ASP A 10 10.56 19.68 -4.23
N PRO A 11 10.14 20.40 -3.18
CA PRO A 11 10.72 21.73 -2.94
C PRO A 11 12.22 21.61 -2.72
N ALA A 12 12.93 22.68 -3.05
CA ALA A 12 14.35 22.74 -2.75
C ALA A 12 14.55 22.77 -1.24
N PHE A 13 15.68 22.23 -0.80
CA PHE A 13 16.09 22.33 0.59
C PHE A 13 16.64 23.71 0.88
N SER A 14 16.35 24.23 2.08
CA SER A 14 17.01 25.46 2.51
C SER A 14 18.42 25.20 3.04
N GLN A 15 18.71 23.97 3.48
CA GLN A 15 20.03 23.61 3.98
C GLN A 15 20.83 22.85 2.91
N PRO A 16 22.16 22.96 2.92
CA PRO A 16 22.98 22.13 2.02
C PRO A 16 22.83 20.65 2.32
N LYS A 17 22.98 19.83 1.27
CA LYS A 17 22.88 18.38 1.47
C LYS A 17 23.93 17.89 2.46
N SER A 18 25.10 18.51 2.48
CA SER A 18 26.15 18.10 3.41
C SER A 18 25.73 18.32 4.86
N VAL A 19 25.02 19.43 5.12
CA VAL A 19 24.50 19.70 6.46
C VAL A 19 23.42 18.70 6.84
N LEU A 20 22.52 18.39 5.91
CA LEU A 20 21.48 17.39 6.20
C LEU A 20 22.10 16.02 6.45
N ASP A 21 23.09 15.65 5.63
CA ASP A 21 23.76 14.36 5.81
C ASP A 21 24.35 14.24 7.21
N ALA A 22 24.90 15.33 7.73
CA ALA A 22 25.57 15.28 9.03
C ALA A 22 24.61 14.96 10.17
N GLY A 23 23.32 15.19 10.00
CA GLY A 23 22.35 14.87 11.04
C GLY A 23 21.82 13.45 10.99
N LEU A 24 22.26 12.63 10.03
CA LEU A 24 21.79 11.26 9.83
C LEU A 24 22.87 10.28 10.27
N THR A 25 22.47 9.28 11.07
CA THR A 25 23.38 8.24 11.52
C THR A 25 22.66 6.91 11.51
N CYS A 26 23.39 5.85 11.16
CA CYS A 26 22.93 4.48 11.32
C CYS A 26 23.90 3.74 12.22
N GLN A 27 23.37 2.79 12.97
CA GLN A 27 24.20 2.00 13.89
C GLN A 27 24.89 0.91 13.08
N GLY A 28 26.22 0.97 13.02
CA GLY A 28 27.00 -0.08 12.39
C GLY A 28 26.98 -0.10 10.87
N ALA A 29 26.65 1.00 10.21
CA ALA A 29 26.66 1.01 8.75
C ALA A 29 26.70 2.45 8.25
N SER A 30 27.14 2.61 6.96
CA SER A 30 26.95 3.90 6.30
C SER A 30 25.59 3.93 5.61
N PRO A 31 24.93 5.09 5.61
CA PRO A 31 23.58 5.18 5.02
C PRO A 31 23.53 4.79 3.55
N SER A 32 24.64 4.82 2.82
CA SER A 32 24.61 4.44 1.42
C SER A 32 24.78 2.94 1.22
N SER A 33 24.93 2.16 2.30
CA SER A 33 25.07 0.72 2.22
C SER A 33 24.61 0.12 3.56
N VAL A 34 23.29 0.00 3.72
CA VAL A 34 22.69 -0.41 4.98
C VAL A 34 21.62 -1.47 4.72
N SER A 35 21.59 -2.49 5.58
CA SER A 35 20.60 -3.56 5.49
C SER A 35 19.40 -3.30 6.41
N LYS A 36 18.20 -3.37 5.82
CA LYS A 36 16.94 -3.20 6.53
C LYS A 36 16.91 -1.98 7.46
N PRO A 37 17.15 -0.78 6.93
CA PRO A 37 17.10 0.41 7.79
C PRO A 37 15.69 0.69 8.28
N ILE A 38 15.62 1.27 9.47
CA ILE A 38 14.42 1.95 9.97
C ILE A 38 14.85 3.36 10.36
N LEU A 39 14.07 4.35 9.97
CA LEU A 39 14.38 5.75 10.29
C LEU A 39 13.57 6.19 11.50
N LEU A 40 14.26 6.63 12.55
CA LEU A 40 13.63 7.09 13.78
C LEU A 40 13.70 8.62 13.84
N VAL A 41 12.56 9.26 14.07
CA VAL A 41 12.46 10.72 14.05
C VAL A 41 12.07 11.18 15.46
N PRO A 42 12.90 11.97 16.13
CA PRO A 42 12.74 12.19 17.57
C PRO A 42 11.73 13.28 17.90
N GLY A 43 11.49 13.43 19.22
CA GLY A 43 10.57 14.45 19.71
C GLY A 43 11.27 15.76 20.07
N THR A 44 10.45 16.76 20.41
CA THR A 44 10.95 18.09 20.72
C THR A 44 11.90 18.06 21.91
N GLY A 45 13.00 18.82 21.79
CA GLY A 45 13.98 18.92 22.87
C GLY A 45 14.96 17.79 22.95
N THR A 46 14.99 16.89 21.97
CA THR A 46 15.85 15.72 22.04
C THR A 46 16.59 15.53 20.71
N THR A 47 17.68 14.77 20.80
CA THR A 47 18.35 14.18 19.66
C THR A 47 17.75 12.79 19.39
N GLY A 48 18.16 12.21 18.27
CA GLY A 48 17.80 10.84 17.96
C GLY A 48 18.15 9.90 19.10
N PRO A 49 19.42 9.89 19.53
CA PRO A 49 19.80 9.01 20.65
C PRO A 49 19.00 9.28 21.92
N GLN A 50 18.74 10.55 22.23
CA GLN A 50 18.00 10.86 23.45
C GLN A 50 16.58 10.35 23.40
N SER A 51 15.94 10.38 22.22
CA SER A 51 14.57 9.88 22.11
C SER A 51 14.52 8.35 22.17
N PHE A 52 15.51 7.67 21.58
CA PHE A 52 15.34 6.27 21.22
C PHE A 52 16.42 5.32 21.75
N ASP A 53 17.51 5.81 22.36
CA ASP A 53 18.54 4.93 22.90
C ASP A 53 17.94 3.95 23.90
N SER A 54 16.94 4.39 24.66
CA SER A 54 16.35 3.60 25.72
C SER A 54 15.16 2.77 25.26
N ASN A 55 14.83 2.80 23.97
CA ASN A 55 13.66 2.09 23.51
C ASN A 55 13.81 1.58 22.07
N TRP A 56 13.44 2.38 21.06
CA TRP A 56 13.27 1.76 19.74
C TRP A 56 14.57 1.57 18.97
N ILE A 57 15.72 2.07 19.45
CA ILE A 57 16.98 1.70 18.82
C ILE A 57 17.28 0.23 19.13
N PRO A 58 17.38 -0.21 20.40
CA PRO A 58 17.57 -1.66 20.61
C PRO A 58 16.38 -2.51 20.18
N LEU A 59 15.15 -2.02 20.31
CA LEU A 59 13.99 -2.86 19.98
C LEU A 59 13.89 -3.10 18.48
N SER A 60 14.15 -2.08 17.65
CA SER A 60 14.09 -2.31 16.21
C SER A 60 15.24 -3.20 15.73
N ALA A 61 16.41 -3.10 16.37
CA ALA A 61 17.51 -3.99 16.03
C ALA A 61 17.16 -5.44 16.35
N GLN A 62 16.49 -5.65 17.48
CA GLN A 62 16.05 -6.99 17.87
C GLN A 62 14.98 -7.53 16.94
N LEU A 63 14.27 -6.65 16.25
CA LEU A 63 13.32 -7.07 15.23
C LEU A 63 13.98 -7.23 13.87
N GLY A 64 15.29 -7.02 13.78
CA GLY A 64 16.03 -7.28 12.56
C GLY A 64 16.34 -6.07 11.70
N TYR A 65 16.03 -4.86 12.18
CA TYR A 65 16.34 -3.64 11.45
C TYR A 65 17.70 -3.09 11.86
N THR A 66 18.29 -2.29 10.97
CA THR A 66 19.41 -1.45 11.39
C THR A 66 18.83 -0.11 11.80
N PRO A 67 18.91 0.26 13.08
CA PRO A 67 18.36 1.56 13.50
C PRO A 67 19.15 2.72 12.91
N CYS A 68 18.43 3.65 12.28
CA CYS A 68 18.97 4.90 11.80
C CYS A 68 18.14 6.04 12.39
N TRP A 69 18.74 7.21 12.54
CA TRP A 69 17.99 8.32 13.14
C TRP A 69 18.51 9.65 12.60
N ILE A 70 17.68 10.69 12.76
CA ILE A 70 18.12 12.06 12.53
C ILE A 70 18.12 12.82 13.85
N SER A 71 19.00 13.81 13.97
CA SER A 71 19.08 14.69 15.13
C SER A 71 19.17 16.14 14.64
N PRO A 72 18.07 16.71 14.18
CA PRO A 72 18.10 18.11 13.71
C PRO A 72 18.44 19.06 14.86
N PRO A 73 19.40 19.97 14.64
CA PRO A 73 19.78 20.93 15.69
C PRO A 73 18.87 22.16 15.73
N PRO A 74 18.71 22.80 16.90
CA PRO A 74 19.16 22.32 18.20
C PRO A 74 18.06 21.54 18.90
N PHE A 75 18.24 20.22 18.97
CA PHE A 75 17.36 19.35 19.75
C PHE A 75 15.90 19.47 19.31
N MET A 76 15.68 19.48 17.99
CA MET A 76 14.34 19.57 17.41
C MET A 76 13.60 20.85 17.79
N LEU A 77 14.31 21.90 18.23
CA LEU A 77 13.66 23.16 18.60
C LEU A 77 13.55 24.14 17.43
N ASN A 78 14.32 23.93 16.36
CA ASN A 78 14.27 24.81 15.21
C ASN A 78 12.99 24.55 14.42
N ASP A 79 12.71 25.46 13.49
CA ASP A 79 11.66 25.34 12.47
C ASP A 79 11.35 23.90 12.08
N THR A 80 10.11 23.46 12.33
CA THR A 80 9.70 22.10 11.94
C THR A 80 9.91 21.85 10.44
N GLN A 81 9.79 22.89 9.62
CA GLN A 81 10.03 22.73 8.18
C GLN A 81 11.48 22.39 7.90
N VAL A 82 12.42 22.92 8.69
CA VAL A 82 13.82 22.54 8.53
C VAL A 82 14.05 21.14 9.08
N ASN A 83 13.47 20.82 10.24
CA ASN A 83 13.58 19.46 10.76
C ASN A 83 13.11 18.45 9.73
N THR A 84 12.10 18.82 8.93
CA THR A 84 11.60 17.92 7.89
C THR A 84 12.63 17.71 6.77
N GLU A 85 13.44 18.73 6.46
CA GLU A 85 14.48 18.53 5.46
C GLU A 85 15.44 17.41 5.85
N TYR A 86 15.81 17.35 7.13
CA TYR A 86 16.67 16.25 7.59
C TYR A 86 16.03 14.89 7.32
N MET A 87 14.71 14.79 7.55
CA MET A 87 14.02 13.52 7.34
C MET A 87 13.93 13.16 5.86
N VAL A 88 13.56 14.13 5.02
CA VAL A 88 13.39 13.83 3.59
C VAL A 88 14.71 13.37 3.00
N ASN A 89 15.79 14.11 3.28
CA ASN A 89 17.12 13.71 2.81
C ASN A 89 17.50 12.33 3.35
N ALA A 90 17.15 12.05 4.61
CA ALA A 90 17.50 10.76 5.18
C ALA A 90 16.77 9.61 4.47
N ILE A 91 15.49 9.79 4.17
CA ILE A 91 14.73 8.76 3.46
C ILE A 91 15.32 8.53 2.06
N THR A 92 15.61 9.61 1.34
CA THR A 92 16.22 9.47 0.02
C THR A 92 17.52 8.66 0.10
N THR A 93 18.36 8.96 1.09
CA THR A 93 19.65 8.28 1.21
C THR A 93 19.49 6.82 1.58
N LEU A 94 18.61 6.53 2.56
CA LEU A 94 18.48 5.17 3.05
C LEU A 94 17.76 4.27 2.05
N TYR A 95 16.81 4.83 1.30
CA TYR A 95 16.16 4.07 0.25
C TYR A 95 17.16 3.59 -0.79
N ALA A 96 17.96 4.50 -1.34
CA ALA A 96 18.97 4.10 -2.31
C ALA A 96 20.03 3.21 -1.66
N GLY A 97 20.45 3.55 -0.46
CA GLY A 97 21.49 2.83 0.26
C GLY A 97 21.11 1.42 0.67
N SER A 98 19.82 1.07 0.65
CA SER A 98 19.41 -0.29 0.96
C SER A 98 18.93 -1.03 -0.28
N GLY A 99 19.35 -0.57 -1.47
CA GLY A 99 18.98 -1.23 -2.70
C GLY A 99 17.70 -0.77 -3.35
N ASN A 100 17.27 0.47 -3.09
CA ASN A 100 15.99 0.99 -3.57
C ASN A 100 14.83 0.15 -3.06
N ASN A 101 14.83 -0.08 -1.75
CA ASN A 101 13.76 -0.78 -1.07
C ASN A 101 13.15 0.15 -0.04
N LYS A 102 11.82 0.18 0.03
CA LYS A 102 11.11 1.04 0.96
C LYS A 102 11.50 0.71 2.40
N LEU A 103 11.43 1.71 3.27
CA LEU A 103 11.81 1.52 4.67
C LEU A 103 10.74 2.09 5.59
N PRO A 104 10.60 1.53 6.78
CA PRO A 104 9.64 2.07 7.74
C PRO A 104 10.20 3.30 8.44
N VAL A 105 9.28 4.19 8.84
CA VAL A 105 9.60 5.39 9.63
C VAL A 105 8.81 5.31 10.93
N LEU A 106 9.50 5.49 12.05
CA LEU A 106 8.90 5.36 13.37
C LEU A 106 9.24 6.62 14.15
N THR A 107 8.22 7.21 14.79
CA THR A 107 8.38 8.56 15.29
C THR A 107 7.79 8.70 16.69
N TRP A 108 8.24 9.76 17.39
CA TRP A 108 7.67 10.17 18.65
C TRP A 108 7.33 11.66 18.61
N SER A 109 6.15 11.99 19.09
CA SER A 109 5.73 13.39 19.33
C SER A 109 5.92 14.21 18.06
N GLN A 110 6.64 15.34 18.07
CA GLN A 110 6.83 16.17 16.88
C GLN A 110 7.33 15.36 15.68
N GLY A 111 8.09 14.31 15.93
CA GLY A 111 8.60 13.48 14.85
C GLY A 111 7.53 12.99 13.90
N GLY A 112 6.32 12.75 14.41
CA GLY A 112 5.23 12.32 13.52
C GLY A 112 4.67 13.46 12.71
N LEU A 113 4.59 14.65 13.31
CA LEU A 113 4.25 15.85 12.57
C LEU A 113 5.25 16.10 11.45
N VAL A 114 6.54 15.92 11.75
CA VAL A 114 7.58 16.07 10.74
C VAL A 114 7.41 15.06 9.61
N ALA A 115 7.15 13.80 9.96
CA ALA A 115 6.99 12.77 8.92
C ALA A 115 5.81 13.09 8.00
N GLN A 116 4.68 13.50 8.58
CA GLN A 116 3.52 13.78 7.77
C GLN A 116 3.69 15.07 6.97
N TRP A 117 4.37 16.08 7.53
CA TRP A 117 4.71 17.27 6.76
C TRP A 117 5.55 16.90 5.55
N GLY A 118 6.55 16.04 5.75
CA GLY A 118 7.40 15.60 4.65
C GLY A 118 6.61 14.86 3.59
N LEU A 119 5.74 13.94 4.01
CA LEU A 119 4.94 13.19 3.04
C LEU A 119 3.95 14.09 2.31
N THR A 120 3.45 15.14 2.98
CA THR A 120 2.50 16.05 2.36
C THR A 120 3.19 16.89 1.30
N PHE A 121 4.39 17.41 1.57
CA PHE A 121 4.96 18.43 0.70
C PHE A 121 6.16 17.97 -0.11
N PHE A 122 6.65 16.75 0.07
CA PHE A 122 7.80 16.25 -0.69
C PHE A 122 7.39 14.94 -1.35
N PRO A 123 6.75 14.97 -2.53
CA PRO A 123 6.14 13.75 -3.08
C PRO A 123 7.11 12.61 -3.32
N SER A 124 8.40 12.89 -3.50
CA SER A 124 9.34 11.83 -3.88
C SER A 124 9.45 10.76 -2.81
N ILE A 125 9.25 11.12 -1.54
CA ILE A 125 9.45 10.12 -0.48
C ILE A 125 8.24 9.24 -0.26
N ARG A 126 7.10 9.54 -0.88
CA ARG A 126 5.92 8.70 -0.73
C ARG A 126 6.19 7.28 -1.20
N SER A 127 7.05 7.11 -2.20
CA SER A 127 7.37 5.80 -2.75
C SER A 127 8.53 5.13 -2.00
N LYS A 128 9.09 5.78 -1.00
CA LYS A 128 10.27 5.26 -0.31
C LYS A 128 10.01 4.96 1.16
N VAL A 129 8.88 5.41 1.70
CA VAL A 129 8.48 5.12 3.08
C VAL A 129 7.50 3.97 3.01
N ASP A 130 7.90 2.84 3.58
CA ASP A 130 7.08 1.63 3.52
C ASP A 130 5.80 1.81 4.32
N ARG A 131 5.88 2.49 5.46
CA ARG A 131 4.81 2.63 6.43
C ARG A 131 5.30 3.61 7.49
N LEU A 132 4.34 4.19 8.21
CA LEU A 132 4.63 5.14 9.28
C LEU A 132 4.04 4.60 10.57
N MET A 133 4.85 4.54 11.63
CA MET A 133 4.41 4.11 12.96
C MET A 133 4.69 5.27 13.92
N ALA A 134 3.66 6.06 14.22
CA ALA A 134 3.81 7.31 14.97
C ALA A 134 3.27 7.13 16.37
N PHE A 135 4.10 7.43 17.38
CA PHE A 135 3.69 7.39 18.78
C PHE A 135 3.43 8.82 19.26
N ALA A 136 2.23 9.05 19.79
CA ALA A 136 1.78 10.37 20.23
C ALA A 136 2.07 11.50 19.23
N PRO A 137 1.72 11.33 17.96
CA PRO A 137 1.92 12.43 17.01
C PRO A 137 0.95 13.57 17.28
N ASP A 138 1.42 14.81 17.11
CA ASP A 138 0.56 15.97 17.36
C ASP A 138 0.24 16.67 16.03
N TYR A 139 -0.55 15.99 15.19
CA TYR A 139 -0.82 16.55 13.86
C TYR A 139 -1.66 17.83 13.93
N LYS A 140 -2.49 17.96 14.95
CA LYS A 140 -3.25 19.19 15.19
C LYS A 140 -2.56 20.10 16.20
N GLY A 141 -1.33 19.79 16.59
CA GLY A 141 -0.70 20.53 17.66
C GLY A 141 -1.28 20.14 19.01
N THR A 142 -1.13 21.05 19.99
CA THR A 142 -1.71 20.82 21.31
C THR A 142 -2.35 22.11 21.81
N VAL A 143 -3.45 21.94 22.53
CA VAL A 143 -4.14 23.07 23.11
C VAL A 143 -3.73 23.31 24.55
N LEU A 144 -2.81 22.52 25.09
CA LEU A 144 -2.37 22.64 26.47
C LEU A 144 -1.42 23.78 26.71
N ALA A 145 -0.85 24.29 25.63
CA ALA A 145 0.05 25.41 25.66
C ALA A 145 -0.70 26.74 25.71
N GLY A 146 -2.01 26.71 25.55
CA GLY A 146 -2.81 27.90 25.50
C GLY A 146 -3.01 28.38 24.07
N PRO A 147 -3.74 29.46 23.91
CA PRO A 147 -3.95 30.05 22.60
C PRO A 147 -2.67 30.79 22.14
N LEU A 148 -2.52 31.01 20.85
CA LEU A 148 -1.30 31.64 20.32
C LEU A 148 -1.06 33.02 20.91
N ASP A 149 -2.14 33.79 21.14
CA ASP A 149 -1.95 35.16 21.62
C ASP A 149 -1.60 35.24 23.09
N ALA A 150 -1.60 34.13 23.83
CA ALA A 150 -1.17 34.14 25.22
C ALA A 150 0.08 33.31 25.46
N LEU A 151 0.68 32.77 24.40
CA LEU A 151 1.85 31.92 24.54
C LEU A 151 3.07 32.70 25.01
N ALA A 152 3.74 32.21 26.04
CA ALA A 152 5.01 32.79 26.45
C ALA A 152 6.04 32.57 25.34
N VAL A 153 7.15 33.34 25.41
CA VAL A 153 8.21 33.14 24.42
C VAL A 153 8.59 31.67 24.41
N SER A 154 8.69 31.09 23.21
CA SER A 154 8.85 29.66 23.03
C SER A 154 9.69 29.39 21.78
N ALA A 155 10.19 28.15 21.70
CA ALA A 155 11.03 27.74 20.58
C ALA A 155 10.23 27.78 19.28
N PRO A 156 10.91 27.94 18.14
CA PRO A 156 10.21 27.87 16.84
C PRO A 156 9.25 26.69 16.69
N SER A 157 9.72 25.47 16.98
CA SER A 157 8.85 24.32 16.76
C SER A 157 7.74 24.22 17.80
N VAL A 158 7.90 24.87 18.95
CA VAL A 158 6.83 24.90 19.95
C VAL A 158 5.67 25.77 19.48
N TRP A 159 5.97 26.95 18.92
CA TRP A 159 4.95 27.75 18.25
C TRP A 159 4.20 26.92 17.23
N GLN A 160 4.94 26.19 16.39
CA GLN A 160 4.30 25.51 15.28
C GLN A 160 3.45 24.33 15.74
N GLN A 161 3.73 23.79 16.92
CA GLN A 161 2.96 22.70 17.50
C GLN A 161 1.83 23.21 18.39
N THR A 162 1.60 24.52 18.44
CA THR A 162 0.48 25.08 19.18
C THR A 162 -0.76 25.05 18.29
N THR A 163 -1.85 24.53 18.82
CA THR A 163 -3.09 24.47 18.04
C THR A 163 -3.48 25.88 17.59
N GLY A 164 -3.88 25.99 16.33
CA GLY A 164 -4.12 27.25 15.67
C GLY A 164 -2.96 27.79 14.87
N SER A 165 -1.78 27.15 14.96
CA SER A 165 -0.60 27.63 14.26
C SER A 165 -0.79 27.63 12.74
N ALA A 166 0.00 28.47 12.07
CA ALA A 166 0.05 28.46 10.62
C ALA A 166 0.50 27.11 10.08
N LEU A 167 1.45 26.46 10.75
CA LEU A 167 1.95 25.17 10.26
C LEU A 167 0.88 24.10 10.31
N THR A 168 0.20 23.95 11.44
CA THR A 168 -0.86 22.93 11.51
C THR A 168 -2.03 23.28 10.60
N THR A 169 -2.29 24.58 10.42
CA THR A 169 -3.30 25.00 9.46
C THR A 169 -2.93 24.56 8.05
N ALA A 170 -1.67 24.81 7.66
CA ALA A 170 -1.21 24.47 6.32
C ALA A 170 -1.20 22.97 6.10
N LEU A 171 -0.78 22.20 7.12
CA LEU A 171 -0.80 20.76 6.97
C LEU A 171 -2.20 20.26 6.63
N ARG A 172 -3.21 20.73 7.38
CA ARG A 172 -4.59 20.31 7.17
C ARG A 172 -5.05 20.70 5.77
N ASN A 173 -4.84 21.96 5.40
CA ASN A 173 -5.39 22.47 4.15
C ASN A 173 -4.71 21.88 2.92
N ALA A 174 -3.49 21.36 3.05
CA ALA A 174 -2.84 20.67 1.94
C ALA A 174 -3.25 19.20 1.85
N GLY A 175 -4.07 18.72 2.78
CA GLY A 175 -4.55 17.35 2.77
C GLY A 175 -3.86 16.41 3.74
N GLY A 176 -3.03 16.92 4.65
CA GLY A 176 -2.18 16.11 5.49
C GLY A 176 -2.82 15.47 6.70
N LEU A 177 -4.11 15.67 6.97
CA LEU A 177 -4.76 14.98 8.06
C LEU A 177 -5.37 13.65 7.62
N THR A 178 -5.09 13.25 6.39
CA THR A 178 -5.39 11.92 5.85
C THR A 178 -4.08 11.17 5.69
N GLN A 179 -4.06 9.87 6.00
CA GLN A 179 -2.80 9.15 5.82
C GLN A 179 -2.37 9.19 4.35
N ILE A 180 -1.06 9.22 4.13
CA ILE A 180 -0.49 9.28 2.79
C ILE A 180 0.20 7.96 2.42
N VAL A 181 0.88 7.32 3.38
CA VAL A 181 1.28 5.92 3.27
C VAL A 181 0.56 5.16 4.39
N PRO A 182 0.53 3.81 4.36
CA PRO A 182 -0.06 3.07 5.50
C PRO A 182 0.51 3.51 6.83
N THR A 183 -0.35 3.99 7.74
CA THR A 183 0.09 4.64 8.97
C THR A 183 -0.66 4.07 10.16
N THR A 184 0.06 3.86 11.26
CA THR A 184 -0.52 3.54 12.56
C THR A 184 -0.17 4.66 13.53
N ASN A 185 -1.17 5.12 14.29
CA ASN A 185 -0.97 6.15 15.32
C ASN A 185 -1.37 5.57 16.67
N LEU A 186 -0.41 5.50 17.60
CA LEU A 186 -0.65 5.04 18.96
C LEU A 186 -0.59 6.24 19.88
N TYR A 187 -1.66 6.47 20.65
CA TYR A 187 -1.70 7.61 21.52
C TYR A 187 -2.54 7.30 22.75
N SER A 188 -2.59 8.27 23.66
CA SER A 188 -3.18 8.06 24.99
C SER A 188 -4.07 9.23 25.37
N ALA A 189 -5.27 8.90 25.88
CA ALA A 189 -6.15 9.94 26.39
C ALA A 189 -5.57 10.64 27.59
N THR A 190 -4.61 10.05 28.29
CA THR A 190 -4.01 10.67 29.46
C THR A 190 -2.74 11.44 29.13
N ASP A 191 -2.50 11.71 27.84
CA ASP A 191 -1.35 12.49 27.42
C ASP A 191 -1.35 13.86 28.10
N GLU A 192 -0.28 14.17 28.83
CA GLU A 192 -0.20 15.42 29.59
C GLU A 192 0.47 16.54 28.80
N ILE A 193 0.86 16.28 27.55
CA ILE A 193 1.53 17.25 26.70
C ILE A 193 0.68 17.62 25.49
N CYS A 194 0.09 16.62 24.84
CA CYS A 194 -0.66 16.80 23.61
C CYS A 194 -2.14 16.53 23.89
N GLN A 195 -2.97 17.53 23.71
CA GLN A 195 -4.42 17.38 23.83
C GLN A 195 -5.06 18.22 22.73
N PRO A 196 -6.31 17.90 22.35
CA PRO A 196 -7.18 16.86 22.91
C PRO A 196 -6.90 15.47 22.33
N GLN A 197 -6.95 14.45 23.20
CA GLN A 197 -6.70 13.08 22.80
C GLN A 197 -7.74 12.11 23.37
N VAL A 198 -8.82 12.63 23.96
CA VAL A 198 -9.70 11.81 24.79
C VAL A 198 -10.89 11.21 24.04
N SER A 199 -11.15 11.67 22.80
CA SER A 199 -12.41 11.34 22.13
C SER A 199 -12.40 10.01 21.39
N ASN A 200 -11.24 9.43 21.10
CA ASN A 200 -11.16 8.24 20.25
C ASN A 200 -11.93 8.46 18.94
N SER A 201 -11.61 9.57 18.28
CA SER A 201 -12.40 10.06 17.15
C SER A 201 -11.55 11.07 16.39
N PRO A 202 -12.01 11.53 15.21
CA PRO A 202 -11.19 12.47 14.43
C PRO A 202 -10.86 13.77 15.15
N LEU A 203 -11.47 14.05 16.31
CA LEU A 203 -11.06 15.22 17.09
C LEU A 203 -9.64 15.09 17.63
N ASP A 204 -9.16 13.88 17.81
CA ASP A 204 -7.89 13.68 18.49
C ASP A 204 -6.74 14.20 17.64
N SER A 205 -5.75 14.80 18.31
CA SER A 205 -4.63 15.39 17.59
C SER A 205 -3.84 14.34 16.83
N SER A 206 -3.80 13.10 17.32
CA SER A 206 -3.06 12.02 16.69
C SER A 206 -3.82 11.30 15.57
N TYR A 207 -5.05 11.70 15.25
CA TYR A 207 -5.90 10.93 14.33
C TYR A 207 -5.62 11.28 12.87
N LEU A 208 -5.51 10.27 12.00
CA LEU A 208 -5.43 10.49 10.56
C LEU A 208 -6.52 9.68 9.86
N PHE A 209 -7.27 10.31 8.97
CA PHE A 209 -8.30 9.59 8.23
C PHE A 209 -7.69 8.44 7.42
N ASN A 210 -8.37 7.29 7.44
CA ASN A 210 -7.96 6.04 6.78
C ASN A 210 -6.73 5.42 7.43
N GLY A 211 -6.20 6.00 8.52
CA GLY A 211 -5.13 5.37 9.23
C GLY A 211 -5.62 4.35 10.25
N LYS A 212 -4.67 3.65 10.85
CA LYS A 212 -4.94 2.75 11.97
C LYS A 212 -4.74 3.56 13.25
N ASN A 213 -5.84 4.07 13.82
CA ASN A 213 -5.79 5.00 14.94
C ASN A 213 -6.06 4.24 16.23
N VAL A 214 -5.04 4.11 17.07
CA VAL A 214 -5.12 3.27 18.27
C VAL A 214 -4.96 4.18 19.48
N GLN A 215 -6.08 4.57 20.07
CA GLN A 215 -6.08 5.16 21.40
C GLN A 215 -5.95 4.03 22.41
N ALA A 216 -4.93 4.11 23.28
CA ALA A 216 -4.62 2.97 24.14
C ALA A 216 -5.79 2.58 25.01
N GLN A 217 -6.54 3.59 25.50
CA GLN A 217 -7.66 3.31 26.39
C GLN A 217 -8.80 2.59 25.69
N ALA A 218 -8.90 2.71 24.37
CA ALA A 218 -9.93 1.97 23.62
C ALA A 218 -9.66 0.47 23.64
N VAL A 219 -8.42 0.08 23.86
CA VAL A 219 -8.02 -1.31 23.91
C VAL A 219 -7.84 -1.78 25.34
N CYS A 220 -7.11 -0.99 26.11
CA CYS A 220 -6.78 -1.28 27.46
C CYS A 220 -7.79 -0.83 28.56
N GLY A 221 -8.77 -0.03 28.21
CA GLY A 221 -9.70 0.47 29.19
C GLY A 221 -9.39 1.86 29.73
N PRO A 222 -10.37 2.49 30.34
CA PRO A 222 -10.28 3.84 30.94
C PRO A 222 -9.32 4.09 32.07
N LEU A 223 -8.90 3.09 32.78
CA LEU A 223 -7.95 3.28 33.86
C LEU A 223 -6.52 3.06 33.46
N PHE A 224 -6.31 2.72 32.20
CA PHE A 224 -5.01 2.53 31.69
C PHE A 224 -4.41 3.91 31.59
N VAL A 225 -3.20 4.04 32.06
CA VAL A 225 -2.53 5.33 32.06
C VAL A 225 -1.16 5.31 31.47
N ILE A 226 -1.00 6.00 30.37
CA ILE A 226 0.35 6.22 29.86
C ILE A 226 0.47 7.67 29.42
N ASP A 227 1.61 8.29 29.70
CA ASP A 227 1.80 9.70 29.41
C ASP A 227 2.50 9.86 28.06
N HIS A 228 3.02 11.06 27.79
CA HIS A 228 3.55 11.36 26.45
C HIS A 228 4.73 10.47 26.09
N ALA A 229 5.65 10.29 27.04
CA ALA A 229 6.79 9.41 26.83
C ALA A 229 6.39 7.94 26.87
N GLY A 230 5.48 7.58 27.78
CA GLY A 230 5.01 6.21 27.86
C GLY A 230 4.33 5.75 26.58
N SER A 231 3.73 6.69 25.84
CA SER A 231 3.18 6.34 24.54
C SER A 231 4.24 5.76 23.62
N LEU A 232 5.50 6.17 23.82
CA LEU A 232 6.60 5.64 23.02
C LEU A 232 7.22 4.38 23.62
N THR A 233 7.38 4.32 24.94
CA THR A 233 8.27 3.34 25.58
C THR A 233 7.56 2.13 26.17
N SER A 234 6.25 2.17 26.36
CA SER A 234 5.58 1.13 27.13
C SER A 234 5.62 -0.23 26.41
N GLN A 235 5.45 -1.30 27.19
CA GLN A 235 5.36 -2.63 26.60
C GLN A 235 4.14 -2.73 25.68
N PHE A 236 3.04 -2.09 26.04
CA PHE A 236 1.89 -2.05 25.15
C PHE A 236 2.26 -1.40 23.81
N SER A 237 3.01 -0.30 23.87
CA SER A 237 3.42 0.39 22.64
C SER A 237 4.29 -0.51 21.77
N TYR A 238 5.12 -1.34 22.41
CA TYR A 238 5.96 -2.27 21.66
C TYR A 238 5.12 -3.28 20.89
N VAL A 239 4.09 -3.84 21.52
CA VAL A 239 3.26 -4.85 20.84
C VAL A 239 2.54 -4.23 19.65
N VAL A 240 2.00 -3.03 19.81
CA VAL A 240 1.35 -2.33 18.69
C VAL A 240 2.37 -2.00 17.61
N GLY A 241 3.52 -1.46 18.01
CA GLY A 241 4.54 -1.12 17.03
C GLY A 241 5.07 -2.34 16.29
N ARG A 242 5.27 -3.45 17.00
CA ARG A 242 5.68 -4.69 16.37
C ARG A 242 4.65 -5.16 15.34
N SER A 243 3.37 -5.07 15.69
CA SER A 243 2.32 -5.41 14.74
C SER A 243 2.41 -4.55 13.49
N ALA A 244 2.56 -3.23 13.66
CA ALA A 244 2.59 -2.32 12.52
C ALA A 244 3.78 -2.61 11.61
N LEU A 245 4.92 -2.93 12.21
CA LEU A 245 6.13 -3.15 11.42
C LEU A 245 6.06 -4.45 10.62
N ARG A 246 5.36 -5.46 11.15
CA ARG A 246 5.27 -6.75 10.47
C ARG A 246 4.04 -6.90 9.58
N SER A 247 3.00 -6.08 9.76
CA SER A 247 1.74 -6.33 9.07
C SER A 247 1.91 -6.27 7.55
N THR A 248 1.24 -7.20 6.86
CA THR A 248 1.26 -7.19 5.40
C THR A 248 0.49 -6.01 4.83
N THR A 249 -0.37 -5.35 5.62
CA THR A 249 -1.10 -4.21 5.09
C THR A 249 -0.41 -2.87 5.36
N GLY A 250 0.69 -2.86 6.10
CA GLY A 250 1.35 -1.62 6.48
C GLY A 250 0.78 -0.94 7.69
N GLN A 251 -0.31 -1.45 8.27
CA GLN A 251 -0.93 -0.92 9.48
C GLN A 251 -1.02 -2.02 10.53
N ALA A 252 -0.95 -1.64 11.81
CA ALA A 252 -1.18 -2.61 12.88
C ALA A 252 -2.58 -3.22 12.77
N ARG A 253 -2.72 -4.45 13.28
CA ARG A 253 -3.96 -5.22 13.20
C ARG A 253 -4.46 -5.55 14.60
N SER A 254 -5.75 -5.30 14.84
CA SER A 254 -6.34 -5.54 16.15
C SER A 254 -6.11 -6.96 16.64
N ALA A 255 -5.95 -7.91 15.72
CA ALA A 255 -5.77 -9.31 16.13
C ALA A 255 -4.41 -9.57 16.78
N ASP A 256 -3.46 -8.63 16.67
CA ASP A 256 -2.10 -8.84 17.15
C ASP A 256 -1.87 -8.38 18.59
N TYR A 257 -2.84 -7.70 19.20
CA TYR A 257 -2.68 -7.19 20.55
C TYR A 257 -4.02 -7.21 21.25
N GLY A 258 -3.96 -7.20 22.57
CA GLY A 258 -5.17 -7.30 23.36
C GLY A 258 -4.93 -6.84 24.78
N ILE A 259 -5.92 -7.10 25.63
CA ILE A 259 -5.90 -6.54 26.97
C ILE A 259 -4.72 -7.07 27.79
N THR A 260 -4.24 -8.28 27.49
CA THR A 260 -3.11 -8.81 28.26
C THR A 260 -1.81 -8.06 27.98
N ASP A 261 -1.76 -7.28 26.90
CA ASP A 261 -0.56 -6.53 26.55
C ASP A 261 -0.55 -5.14 27.17
N CYS A 262 -1.55 -4.80 27.98
CA CYS A 262 -1.74 -3.45 28.48
C CYS A 262 -0.89 -3.21 29.73
N ASN A 263 0.42 -3.15 29.49
CA ASN A 263 1.43 -2.89 30.52
C ASN A 263 2.06 -1.55 30.22
N PRO A 264 1.94 -0.56 31.12
CA PRO A 264 2.41 0.80 30.81
C PRO A 264 3.88 1.04 31.04
N LEU A 265 4.61 0.06 31.57
CA LEU A 265 6.02 0.23 31.92
C LEU A 265 6.88 0.01 30.69
N PRO A 266 8.17 0.40 30.76
CA PRO A 266 9.04 0.23 29.59
C PRO A 266 9.08 -1.20 29.11
N ALA A 267 9.24 -1.36 27.79
CA ALA A 267 9.16 -2.65 27.12
C ALA A 267 10.00 -3.73 27.81
N ASN A 268 9.42 -4.93 27.90
CA ASN A 268 10.03 -6.01 28.68
C ASN A 268 11.43 -6.37 28.19
N ASP A 269 11.67 -6.31 26.88
CA ASP A 269 12.96 -6.73 26.34
C ASP A 269 14.07 -5.74 26.59
N LEU A 270 13.77 -4.55 27.11
CA LEU A 270 14.80 -3.58 27.41
C LEU A 270 15.64 -4.04 28.61
N THR A 271 16.92 -3.70 28.59
CA THR A 271 17.80 -4.01 29.72
C THR A 271 17.41 -3.18 30.94
N PRO A 272 17.89 -3.55 32.14
CA PRO A 272 17.59 -2.74 33.33
C PRO A 272 17.98 -1.29 33.15
N GLU A 273 19.20 -1.03 32.69
CA GLU A 273 19.66 0.32 32.42
C GLU A 273 18.75 1.03 31.43
N GLN A 274 18.30 0.33 30.39
CA GLN A 274 17.42 0.93 29.39
C GLN A 274 16.07 1.33 29.98
N LYS A 275 15.49 0.46 30.81
CA LYS A 275 14.20 0.77 31.42
C LYS A 275 14.30 2.01 32.30
N VAL A 276 15.43 2.18 33.00
CA VAL A 276 15.61 3.37 33.81
C VAL A 276 15.63 4.61 32.93
N ALA A 277 16.41 4.57 31.84
CA ALA A 277 16.48 5.72 30.96
C ALA A 277 15.16 6.00 30.26
N ALA A 278 14.40 4.95 29.94
CA ALA A 278 13.11 5.13 29.28
C ALA A 278 12.13 5.89 30.17
N ALA A 279 12.07 5.55 31.46
CA ALA A 279 11.19 6.28 32.38
C ALA A 279 11.58 7.76 32.49
N ALA A 280 12.87 8.08 32.35
CA ALA A 280 13.39 9.43 32.45
C ALA A 280 13.49 10.13 31.10
N LEU A 281 12.79 9.62 30.08
CA LEU A 281 12.98 10.07 28.70
C LEU A 281 12.86 11.60 28.54
N LEU A 282 11.95 12.23 29.28
CA LEU A 282 11.65 13.64 29.04
C LEU A 282 12.76 14.59 29.49
N ALA A 283 13.43 14.26 30.60
CA ALA A 283 14.28 15.24 31.28
C ALA A 283 15.26 15.97 30.37
N PRO A 284 15.98 15.31 29.45
CA PRO A 284 16.84 16.08 28.53
C PRO A 284 16.07 17.07 27.69
N GLY A 285 14.83 16.76 27.34
CA GLY A 285 14.04 17.68 26.54
C GLY A 285 13.77 18.99 27.26
N VAL A 286 13.50 18.92 28.57
CA VAL A 286 13.22 20.13 29.32
C VAL A 286 14.48 20.99 29.45
N ALA A 287 15.63 20.36 29.69
CA ALA A 287 16.89 21.12 29.78
C ALA A 287 17.21 21.79 28.45
N ALA A 288 16.93 21.12 27.34
CA ALA A 288 17.17 21.71 26.03
C ALA A 288 16.30 22.95 25.81
N ILE A 289 15.05 22.91 26.32
CA ILE A 289 14.13 24.01 26.12
C ILE A 289 14.50 25.22 26.96
N VAL A 290 15.10 25.00 28.14
CA VAL A 290 15.57 26.12 28.94
C VAL A 290 16.74 26.84 28.26
N ALA A 291 17.69 26.09 27.73
CA ALA A 291 18.86 26.67 27.07
C ALA A 291 18.62 27.08 25.62
N GLY A 292 17.49 26.66 25.02
CA GLY A 292 17.28 26.75 23.58
C GLY A 292 16.72 28.08 23.12
N PRO A 293 16.52 28.18 21.80
CA PRO A 293 15.95 29.40 21.23
C PRO A 293 14.53 29.65 21.72
N LYS A 294 14.18 30.93 21.84
N LYS A 294 14.18 30.93 21.84
CA LYS A 294 12.82 31.35 22.18
CA LYS A 294 12.83 31.36 22.20
C LYS A 294 12.47 32.61 21.41
C LYS A 294 12.47 32.62 21.43
N GLN A 295 11.21 32.72 21.00
CA GLN A 295 10.74 33.89 20.27
C GLN A 295 9.27 34.12 20.57
N ASN A 296 8.78 35.29 20.16
CA ASN A 296 7.42 35.76 20.46
C ASN A 296 6.47 35.61 19.28
N CYS A 297 6.83 34.79 18.29
CA CYS A 297 6.04 34.68 17.07
C CYS A 297 6.36 33.35 16.41
N GLU A 298 5.41 32.88 15.55
CA GLU A 298 5.59 31.62 14.83
C GLU A 298 6.48 31.81 13.60
N PRO A 299 7.41 30.89 13.33
CA PRO A 299 8.25 30.99 12.13
C PRO A 299 7.40 31.10 10.87
N ASP A 300 7.91 31.86 9.90
CA ASP A 300 7.25 31.98 8.61
C ASP A 300 7.16 30.62 7.91
N LEU A 301 6.08 30.45 7.15
CA LEU A 301 5.97 29.28 6.27
C LEU A 301 6.86 29.45 5.04
N MET A 302 7.51 28.36 4.64
CA MET A 302 8.28 28.38 3.41
C MET A 302 7.33 28.53 2.22
N PRO A 303 7.87 28.93 1.05
CA PRO A 303 6.98 29.25 -0.09
C PRO A 303 6.06 28.11 -0.50
N TYR A 304 6.51 26.85 -0.44
CA TYR A 304 5.67 25.73 -0.86
C TYR A 304 4.46 25.53 0.03
N ALA A 305 4.50 26.03 1.27
CA ALA A 305 3.42 25.85 2.23
C ALA A 305 2.56 27.08 2.47
N ARG A 306 3.08 28.28 2.17
CA ARG A 306 2.34 29.53 2.38
C ARG A 306 0.92 29.54 1.81
N PRO A 307 0.66 29.06 0.58
CA PRO A 307 -0.69 29.21 0.03
C PRO A 307 -1.74 28.47 0.81
N PHE A 308 -1.36 27.55 1.71
CA PHE A 308 -2.31 26.76 2.47
C PHE A 308 -2.66 27.36 3.83
N ALA A 309 -2.12 28.54 4.17
CA ALA A 309 -2.46 29.16 5.45
C ALA A 309 -2.60 30.67 5.31
N VAL A 310 -3.18 31.11 4.19
CA VAL A 310 -3.47 32.52 3.98
C VAL A 310 -4.31 33.05 5.13
N GLY A 311 -3.92 34.21 5.67
CA GLY A 311 -4.63 34.82 6.77
C GLY A 311 -4.00 34.61 8.14
N LYS A 312 -3.19 33.57 8.31
CA LYS A 312 -2.57 33.33 9.62
C LYS A 312 -1.39 34.29 9.81
N ARG A 313 -0.96 34.45 11.07
CA ARG A 313 0.08 35.42 11.38
C ARG A 313 1.35 34.71 11.83
N THR A 314 2.46 35.04 11.17
CA THR A 314 3.77 34.53 11.53
C THR A 314 4.68 35.74 11.78
N CYS A 315 5.98 35.46 11.96
CA CYS A 315 6.90 36.51 12.44
C CYS A 315 6.95 37.72 11.51
N SER A 316 6.91 37.50 10.19
N SER A 316 6.89 37.51 10.20
CA SER A 316 6.93 38.61 9.24
CA SER A 316 6.94 38.64 9.27
C SER A 316 5.59 39.31 9.12
C SER A 316 5.57 39.20 8.95
N GLY A 317 4.51 38.67 9.56
CA GLY A 317 3.18 39.23 9.49
C GLY A 317 2.17 38.27 8.91
N ILE A 318 1.06 38.81 8.40
CA ILE A 318 -0.05 38.00 7.95
C ILE A 318 0.27 37.39 6.59
N VAL A 319 0.04 36.09 6.46
CA VAL A 319 0.25 35.38 5.20
C VAL A 319 -0.74 35.86 4.14
N THR A 320 -0.23 36.20 2.96
CA THR A 320 -1.00 36.72 1.85
C THR A 320 -0.96 35.78 0.64
N PRO A 321 -1.93 35.90 -0.28
CA PRO A 321 -1.85 35.03 -1.46
C PRO A 321 -0.86 35.56 -2.51
N ALA B 4 -20.20 -18.66 4.33
CA ALA B 4 -19.53 -17.37 4.25
C ALA B 4 -18.16 -17.48 3.59
N LEU B 5 -17.67 -16.37 3.04
CA LEU B 5 -16.31 -16.36 2.51
C LEU B 5 -15.32 -16.37 3.66
N PRO B 6 -14.06 -16.76 3.40
CA PRO B 6 -13.02 -16.56 4.40
C PRO B 6 -13.01 -15.13 4.92
N SER B 7 -12.83 -15.01 6.23
CA SER B 7 -12.79 -13.71 6.90
C SER B 7 -11.61 -13.63 7.84
N GLY B 8 -11.54 -12.57 8.64
CA GLY B 8 -10.42 -12.45 9.56
C GLY B 8 -9.19 -11.90 8.88
N SER B 9 -8.02 -12.35 9.35
CA SER B 9 -6.76 -11.76 8.93
C SER B 9 -6.38 -12.19 7.52
N ASP B 10 -5.64 -11.32 6.83
CA ASP B 10 -5.01 -11.70 5.57
C ASP B 10 -3.95 -12.77 5.85
N PRO B 11 -3.81 -13.75 4.96
CA PRO B 11 -2.68 -14.68 5.09
C PRO B 11 -1.35 -13.95 5.01
N ALA B 12 -0.34 -14.53 5.66
CA ALA B 12 0.99 -13.96 5.53
C ALA B 12 1.51 -14.12 4.10
N PHE B 13 2.35 -13.19 3.68
CA PHE B 13 3.05 -13.31 2.41
C PHE B 13 4.19 -14.30 2.53
N SER B 14 4.36 -15.15 1.51
CA SER B 14 5.53 -16.00 1.41
C SER B 14 6.73 -15.28 0.81
N GLN B 15 6.50 -14.18 0.04
CA GLN B 15 7.54 -13.40 -0.60
C GLN B 15 7.95 -12.23 0.28
N PRO B 16 9.21 -11.79 0.20
CA PRO B 16 9.57 -10.54 0.86
C PRO B 16 8.76 -9.40 0.27
N LYS B 17 8.40 -8.43 1.11
CA LYS B 17 7.62 -7.31 0.58
C LYS B 17 8.41 -6.52 -0.45
N SER B 18 9.73 -6.43 -0.30
CA SER B 18 10.52 -5.68 -1.26
C SER B 18 10.44 -6.31 -2.65
N VAL B 19 10.35 -7.64 -2.70
CA VAL B 19 10.20 -8.35 -3.96
C VAL B 19 8.83 -8.06 -4.58
N LEU B 20 7.78 -8.05 -3.75
CA LEU B 20 6.45 -7.72 -4.27
C LEU B 20 6.41 -6.30 -4.78
N ASP B 21 7.03 -5.36 -4.06
CA ASP B 21 7.07 -3.97 -4.52
C ASP B 21 7.74 -3.86 -5.88
N ALA B 22 8.82 -4.64 -6.08
CA ALA B 22 9.59 -4.56 -7.32
C ALA B 22 8.79 -5.01 -8.53
N GLY B 23 7.71 -5.76 -8.32
CA GLY B 23 6.91 -6.19 -9.44
C GLY B 23 5.80 -5.26 -9.86
N LEU B 24 5.65 -4.10 -9.22
CA LEU B 24 4.58 -3.15 -9.51
C LEU B 24 5.15 -1.91 -10.21
N THR B 25 4.51 -1.51 -11.30
CA THR B 25 4.94 -0.33 -12.06
C THR B 25 3.71 0.43 -12.53
N CYS B 26 3.82 1.77 -12.57
CA CYS B 26 2.81 2.61 -13.21
C CYS B 26 3.45 3.42 -14.33
N GLN B 27 2.66 3.71 -15.36
CA GLN B 27 3.12 4.54 -16.48
C GLN B 27 3.07 6.00 -16.05
N GLY B 28 4.23 6.65 -15.96
CA GLY B 28 4.27 8.07 -15.71
C GLY B 28 3.91 8.50 -14.31
N ALA B 29 3.97 7.59 -13.33
CA ALA B 29 3.65 7.94 -11.96
C ALA B 29 4.22 6.88 -11.02
N SER B 30 4.34 7.27 -9.74
CA SER B 30 4.69 6.29 -8.73
C SER B 30 3.41 5.62 -8.22
N PRO B 31 3.43 4.32 -7.95
CA PRO B 31 2.24 3.68 -7.38
C PRO B 31 1.87 4.30 -6.05
N SER B 32 2.80 4.97 -5.37
CA SER B 32 2.53 5.57 -4.07
C SER B 32 1.97 6.98 -4.15
N SER B 33 1.84 7.53 -5.36
CA SER B 33 1.30 8.88 -5.53
C SER B 33 0.71 8.96 -6.93
N VAL B 34 -0.47 8.38 -7.11
CA VAL B 34 -1.03 8.14 -8.44
C VAL B 34 -2.49 8.58 -8.48
N SER B 35 -2.87 9.23 -9.58
CA SER B 35 -4.25 9.66 -9.77
C SER B 35 -5.00 8.63 -10.59
N LYS B 36 -6.15 8.19 -10.08
CA LYS B 36 -7.04 7.24 -10.75
C LYS B 36 -6.30 6.03 -11.33
N PRO B 37 -5.62 5.25 -10.50
CA PRO B 37 -4.93 4.08 -11.03
C PRO B 37 -5.92 3.01 -11.49
N ILE B 38 -5.48 2.23 -12.46
CA ILE B 38 -6.10 0.94 -12.78
C ILE B 38 -5.00 -0.10 -12.71
N LEU B 39 -5.29 -1.23 -12.06
CA LEU B 39 -4.30 -2.29 -11.88
C LEU B 39 -4.55 -3.35 -12.95
N LEU B 40 -3.54 -3.60 -13.78
CA LEU B 40 -3.62 -4.58 -14.86
C LEU B 40 -2.85 -5.84 -14.49
N VAL B 41 -3.49 -7.00 -14.63
CA VAL B 41 -2.91 -8.28 -14.24
C VAL B 41 -2.76 -9.16 -15.48
N PRO B 42 -1.55 -9.58 -15.84
CA PRO B 42 -1.29 -10.18 -17.16
C PRO B 42 -1.60 -11.68 -17.21
N GLY B 43 -1.43 -12.26 -18.42
CA GLY B 43 -1.68 -13.66 -18.63
C GLY B 43 -0.42 -14.53 -18.49
N THR B 44 -0.64 -15.84 -18.55
CA THR B 44 0.45 -16.81 -18.40
C THR B 44 1.51 -16.60 -19.46
N GLY B 45 2.77 -16.68 -19.06
CA GLY B 45 3.85 -16.55 -20.01
C GLY B 45 4.19 -15.14 -20.43
N THR B 46 3.66 -14.12 -19.74
CA THR B 46 3.90 -12.73 -20.11
C THR B 46 4.19 -11.86 -18.89
N THR B 47 4.80 -10.71 -19.16
CA THR B 47 4.86 -9.59 -18.23
C THR B 47 3.66 -8.67 -18.45
N GLY B 48 3.50 -7.70 -17.55
CA GLY B 48 2.50 -6.67 -17.69
C GLY B 48 2.56 -5.97 -19.03
N PRO B 49 3.73 -5.42 -19.38
CA PRO B 49 3.86 -4.78 -20.69
C PRO B 49 3.58 -5.72 -21.86
N GLN B 50 4.02 -6.98 -21.77
CA GLN B 50 3.78 -7.91 -22.87
C GLN B 50 2.29 -8.20 -23.06
N SER B 51 1.53 -8.27 -21.97
CA SER B 51 0.09 -8.49 -22.11
C SER B 51 -0.62 -7.26 -22.63
N PHE B 52 -0.19 -6.05 -22.19
CA PHE B 52 -1.04 -4.87 -22.28
C PHE B 52 -0.47 -3.68 -23.04
N ASP B 53 0.81 -3.70 -23.46
CA ASP B 53 1.36 -2.56 -24.20
C ASP B 53 0.55 -2.26 -25.47
N SER B 54 0.02 -3.30 -26.10
CA SER B 54 -0.70 -3.18 -27.36
C SER B 54 -2.19 -2.94 -27.17
N ASN B 55 -2.66 -2.78 -25.93
CA ASN B 55 -4.10 -2.64 -25.73
C ASN B 55 -4.45 -1.79 -24.51
N TRP B 56 -4.59 -2.39 -23.33
CA TRP B 56 -5.25 -1.67 -22.24
C TRP B 56 -4.35 -0.69 -21.50
N ILE B 57 -3.04 -0.68 -21.75
CA ILE B 57 -2.22 0.41 -21.22
C ILE B 57 -2.61 1.68 -21.98
N PRO B 58 -2.48 1.76 -23.32
CA PRO B 58 -2.93 3.01 -23.97
C PRO B 58 -4.43 3.23 -23.89
N LEU B 59 -5.24 2.17 -23.92
CA LEU B 59 -6.69 2.39 -23.91
C LEU B 59 -7.17 2.91 -22.55
N SER B 60 -6.61 2.40 -21.45
CA SER B 60 -7.04 2.93 -20.16
C SER B 60 -6.53 4.35 -19.94
N ALA B 61 -5.35 4.67 -20.47
CA ALA B 61 -4.84 6.04 -20.34
C ALA B 61 -5.76 7.03 -21.04
N GLN B 62 -6.27 6.68 -22.21
CA GLN B 62 -7.18 7.60 -22.91
C GLN B 62 -8.53 7.73 -22.21
N LEU B 63 -8.90 6.80 -21.35
CA LEU B 63 -10.11 6.93 -20.54
C LEU B 63 -9.86 7.69 -19.24
N GLY B 64 -8.64 8.17 -19.02
CA GLY B 64 -8.35 9.02 -17.89
C GLY B 64 -7.72 8.34 -16.69
N TYR B 65 -7.39 7.05 -16.80
CA TYR B 65 -6.73 6.31 -15.74
C TYR B 65 -5.21 6.42 -15.87
N THR B 66 -4.52 6.18 -14.76
CA THR B 66 -3.10 5.90 -14.82
C THR B 66 -2.90 4.40 -14.91
N PRO B 67 -2.37 3.87 -16.02
CA PRO B 67 -2.15 2.42 -16.12
C PRO B 67 -1.05 1.97 -15.18
N CYS B 68 -1.35 0.96 -14.37
CA CYS B 68 -0.38 0.30 -13.50
C CYS B 68 -0.48 -1.19 -13.75
N TRP B 69 0.61 -1.93 -13.47
CA TRP B 69 0.57 -3.37 -13.71
C TRP B 69 1.51 -4.07 -12.75
N ILE B 70 1.31 -5.38 -12.59
CA ILE B 70 2.26 -6.26 -11.94
C ILE B 70 2.83 -7.21 -12.98
N SER B 71 4.08 -7.62 -12.77
CA SER B 71 4.77 -8.58 -13.62
C SER B 71 5.41 -9.61 -12.71
N PRO B 72 4.63 -10.53 -12.13
CA PRO B 72 5.22 -11.53 -11.25
C PRO B 72 6.19 -12.39 -12.04
N PRO B 73 7.39 -12.60 -11.51
CA PRO B 73 8.41 -13.40 -12.20
C PRO B 73 8.25 -14.89 -11.91
N PRO B 74 8.69 -15.75 -12.84
CA PRO B 74 9.12 -15.42 -14.20
C PRO B 74 7.95 -15.54 -15.17
N PHE B 75 7.47 -14.41 -15.70
CA PHE B 75 6.44 -14.40 -16.75
C PHE B 75 5.16 -15.11 -16.33
N MET B 76 4.71 -14.89 -15.08
CA MET B 76 3.47 -15.48 -14.57
C MET B 76 3.50 -17.01 -14.60
N LEU B 77 4.69 -17.61 -14.64
CA LEU B 77 4.82 -19.06 -14.67
C LEU B 77 4.92 -19.67 -13.28
N ASN B 78 5.24 -18.88 -12.26
CA ASN B 78 5.31 -19.41 -10.92
C ASN B 78 3.90 -19.66 -10.37
N ASP B 79 3.86 -20.37 -9.25
CA ASP B 79 2.69 -20.58 -8.38
C ASP B 79 1.67 -19.44 -8.43
N THR B 80 0.45 -19.74 -8.87
CA THR B 80 -0.61 -18.72 -8.92
C THR B 80 -0.84 -18.07 -7.55
N GLN B 81 -0.63 -18.81 -6.47
CA GLN B 81 -0.78 -18.22 -5.13
C GLN B 81 0.28 -17.14 -4.88
N VAL B 82 1.49 -17.33 -5.42
CA VAL B 82 2.50 -16.28 -5.31
C VAL B 82 2.16 -15.10 -6.21
N ASN B 83 1.73 -15.38 -7.46
CA ASN B 83 1.30 -14.29 -8.32
C ASN B 83 0.20 -13.45 -7.66
N THR B 84 -0.66 -14.08 -6.86
CA THR B 84 -1.70 -13.32 -6.17
C THR B 84 -1.11 -12.38 -5.12
N GLU B 85 -0.02 -12.79 -4.45
CA GLU B 85 0.62 -11.89 -3.49
C GLU B 85 1.02 -10.58 -4.14
N TYR B 86 1.53 -10.63 -5.39
CA TYR B 86 1.86 -9.40 -6.11
C TYR B 86 0.63 -8.52 -6.27
N MET B 87 -0.52 -9.12 -6.59
CA MET B 87 -1.72 -8.32 -6.76
C MET B 87 -2.20 -7.74 -5.42
N VAL B 88 -2.17 -8.54 -4.35
CA VAL B 88 -2.68 -8.07 -3.06
C VAL B 88 -1.84 -6.88 -2.59
N ASN B 89 -0.51 -7.02 -2.62
CA ASN B 89 0.39 -5.91 -2.27
C ASN B 89 0.15 -4.70 -3.16
N ALA B 90 -0.10 -4.93 -4.46
CA ALA B 90 -0.35 -3.81 -5.37
C ALA B 90 -1.62 -3.05 -4.99
N ILE B 91 -2.68 -3.78 -4.64
CA ILE B 91 -3.92 -3.12 -4.23
C ILE B 91 -3.70 -2.31 -2.95
N THR B 92 -2.99 -2.89 -1.98
CA THR B 92 -2.72 -2.14 -0.75
C THR B 92 -2.01 -0.84 -1.07
N THR B 93 -1.00 -0.89 -1.95
CA THR B 93 -0.20 0.29 -2.29
C THR B 93 -1.00 1.31 -3.09
N LEU B 94 -1.72 0.84 -4.12
CA LEU B 94 -2.43 1.77 -5.01
C LEU B 94 -3.64 2.39 -4.33
N TYR B 95 -4.28 1.66 -3.43
CA TYR B 95 -5.38 2.23 -2.66
C TYR B 95 -4.88 3.43 -1.87
N ALA B 96 -3.82 3.22 -1.08
CA ALA B 96 -3.24 4.33 -0.32
C ALA B 96 -2.64 5.38 -1.23
N GLY B 97 -1.93 4.97 -2.27
CA GLY B 97 -1.27 5.89 -3.19
C GLY B 97 -2.22 6.76 -4.01
N SER B 98 -3.51 6.42 -4.04
CA SER B 98 -4.50 7.23 -4.73
C SER B 98 -5.42 7.99 -3.78
N GLY B 99 -4.97 8.20 -2.54
CA GLY B 99 -5.75 8.93 -1.57
C GLY B 99 -6.71 8.08 -0.76
N ASN B 100 -6.45 6.78 -0.63
CA ASN B 100 -7.33 5.84 0.07
C ASN B 100 -8.68 5.73 -0.65
N ASN B 101 -8.60 5.52 -1.96
CA ASN B 101 -9.76 5.38 -2.83
C ASN B 101 -9.74 4.03 -3.54
N LYS B 102 -10.92 3.39 -3.60
CA LYS B 102 -11.03 2.12 -4.31
C LYS B 102 -10.58 2.28 -5.76
N LEU B 103 -10.08 1.18 -6.33
CA LEU B 103 -9.56 1.20 -7.70
C LEU B 103 -10.07 0.02 -8.49
N PRO B 104 -10.18 0.16 -9.81
CA PRO B 104 -10.56 -0.99 -10.64
C PRO B 104 -9.37 -1.88 -10.96
N VAL B 105 -9.67 -3.17 -11.21
CA VAL B 105 -8.69 -4.17 -11.60
C VAL B 105 -9.14 -4.75 -12.93
N LEU B 106 -8.23 -4.83 -13.90
CA LEU B 106 -8.54 -5.31 -15.24
C LEU B 106 -7.52 -6.39 -15.60
N THR B 107 -8.00 -7.54 -16.10
CA THR B 107 -7.14 -8.72 -16.17
C THR B 107 -7.30 -9.41 -17.53
N TRP B 108 -6.30 -10.22 -17.86
CA TRP B 108 -6.36 -11.13 -19.01
C TRP B 108 -6.00 -12.53 -18.54
N SER B 109 -6.77 -13.51 -18.98
CA SER B 109 -6.44 -14.94 -18.80
C SER B 109 -6.17 -15.24 -17.33
N GLN B 110 -5.02 -15.85 -16.98
CA GLN B 110 -4.72 -16.19 -15.59
C GLN B 110 -4.89 -15.01 -14.63
N GLY B 111 -4.64 -13.78 -15.13
CA GLY B 111 -4.81 -12.61 -14.29
C GLY B 111 -6.16 -12.55 -13.60
N GLY B 112 -7.21 -13.03 -14.25
CA GLY B 112 -8.52 -13.01 -13.62
C GLY B 112 -8.65 -14.07 -12.54
N LEU B 113 -8.08 -15.26 -12.78
CA LEU B 113 -8.01 -16.26 -11.75
C LEU B 113 -7.27 -15.72 -10.53
N VAL B 114 -6.17 -15.00 -10.76
CA VAL B 114 -5.39 -14.41 -9.66
C VAL B 114 -6.25 -13.40 -8.89
N ALA B 115 -6.94 -12.51 -9.60
CA ALA B 115 -7.76 -11.50 -8.93
C ALA B 115 -8.83 -12.14 -8.07
N GLN B 116 -9.50 -13.18 -8.59
CA GLN B 116 -10.57 -13.80 -7.82
C GLN B 116 -10.01 -14.63 -6.66
N TRP B 117 -8.84 -15.23 -6.84
CA TRP B 117 -8.17 -15.91 -5.74
C TRP B 117 -7.86 -14.92 -4.62
N GLY B 118 -7.33 -13.76 -4.99
CA GLY B 118 -7.06 -12.74 -3.99
C GLY B 118 -8.29 -12.27 -3.25
N LEU B 119 -9.39 -12.04 -3.98
CA LEU B 119 -10.61 -11.61 -3.33
C LEU B 119 -11.18 -12.68 -2.40
N THR B 120 -11.01 -13.95 -2.74
CA THR B 120 -11.57 -15.03 -1.94
C THR B 120 -10.82 -15.19 -0.63
N PHE B 121 -9.49 -15.05 -0.65
CA PHE B 121 -8.68 -15.44 0.51
C PHE B 121 -7.98 -14.30 1.24
N PHE B 122 -8.07 -13.06 0.75
CA PHE B 122 -7.40 -11.91 1.36
C PHE B 122 -8.46 -10.85 1.65
N PRO B 123 -9.14 -10.92 2.79
CA PRO B 123 -10.31 -10.06 3.01
C PRO B 123 -10.01 -8.57 2.98
N SER B 124 -8.77 -8.13 3.27
CA SER B 124 -8.51 -6.69 3.36
C SER B 124 -8.73 -5.97 2.04
N ILE B 125 -8.57 -6.67 0.90
CA ILE B 125 -8.67 -5.98 -0.38
C ILE B 125 -10.09 -5.84 -0.89
N ARG B 126 -11.07 -6.52 -0.27
CA ARG B 126 -12.45 -6.42 -0.74
C ARG B 126 -12.99 -4.99 -0.70
N SER B 127 -12.56 -4.21 0.29
CA SER B 127 -13.02 -2.83 0.43
C SER B 127 -12.17 -1.84 -0.35
N LYS B 128 -11.16 -2.32 -1.09
CA LYS B 128 -10.23 -1.46 -1.82
C LYS B 128 -10.33 -1.63 -3.33
N VAL B 129 -11.03 -2.66 -3.79
CA VAL B 129 -11.29 -2.90 -5.21
C VAL B 129 -12.74 -2.50 -5.52
N ASP B 130 -12.86 -1.58 -6.48
N ASP B 130 -12.95 -1.57 -6.45
CA ASP B 130 -14.13 -1.02 -6.91
CA ASP B 130 -14.33 -1.20 -6.73
C ASP B 130 -14.90 -1.98 -7.79
C ASP B 130 -14.98 -2.03 -7.83
N ARG B 131 -14.19 -2.66 -8.70
CA ARG B 131 -14.76 -3.51 -9.74
C ARG B 131 -13.65 -4.33 -10.37
N LEU B 132 -14.06 -5.43 -11.02
CA LEU B 132 -13.16 -6.33 -11.74
C LEU B 132 -13.66 -6.44 -13.18
N MET B 133 -12.77 -6.20 -14.15
CA MET B 133 -13.07 -6.35 -15.58
C MET B 133 -12.11 -7.41 -16.12
N ALA B 134 -12.59 -8.63 -16.29
CA ALA B 134 -11.74 -9.78 -16.62
C ALA B 134 -11.99 -10.20 -18.07
N PHE B 135 -10.91 -10.27 -18.86
CA PHE B 135 -10.98 -10.74 -20.24
C PHE B 135 -10.44 -12.17 -20.32
N ALA B 136 -11.27 -13.09 -20.84
CA ALA B 136 -10.96 -14.52 -20.88
C ALA B 136 -10.41 -15.13 -19.58
N PRO B 137 -11.07 -14.87 -18.44
CA PRO B 137 -10.60 -15.50 -17.18
C PRO B 137 -10.88 -16.99 -17.17
N ASP B 138 -9.96 -17.75 -16.56
CA ASP B 138 -10.11 -19.21 -16.48
C ASP B 138 -10.33 -19.62 -15.02
N TYR B 139 -11.50 -19.28 -14.48
CA TYR B 139 -11.77 -19.57 -13.07
C TYR B 139 -11.91 -21.06 -12.80
N LYS B 140 -12.37 -21.83 -13.80
CA LYS B 140 -12.42 -23.28 -13.71
C LYS B 140 -11.20 -23.93 -14.34
N GLY B 141 -10.20 -23.16 -14.74
CA GLY B 141 -9.11 -23.72 -15.49
C GLY B 141 -9.54 -24.03 -16.93
N THR B 142 -8.82 -24.95 -17.57
CA THR B 142 -9.12 -25.36 -18.93
C THR B 142 -8.91 -26.86 -19.12
N VAL B 143 -9.73 -27.46 -19.98
CA VAL B 143 -9.54 -28.87 -20.36
C VAL B 143 -8.58 -29.05 -21.52
N LEU B 144 -8.12 -27.99 -22.11
CA LEU B 144 -7.24 -28.09 -23.24
C LEU B 144 -5.77 -28.19 -22.91
N ALA B 145 -5.04 -28.86 -23.79
CA ALA B 145 -3.61 -29.09 -23.72
C ALA B 145 -3.25 -29.75 -22.42
N GLY B 146 -2.59 -29.03 -21.54
CA GLY B 146 -2.30 -29.55 -20.24
C GLY B 146 -0.86 -29.70 -19.84
N PRO B 147 -0.66 -29.86 -18.56
CA PRO B 147 0.67 -30.02 -17.99
C PRO B 147 1.47 -31.22 -18.51
N LEU B 148 0.83 -32.26 -18.97
CA LEU B 148 1.60 -33.41 -19.48
C LEU B 148 1.72 -33.45 -20.98
N ASP B 149 1.29 -32.37 -21.62
CA ASP B 149 1.37 -32.24 -23.06
C ASP B 149 2.79 -32.01 -23.49
N ALA B 150 3.32 -32.85 -24.38
CA ALA B 150 4.70 -32.75 -24.90
C ALA B 150 5.94 -32.78 -23.99
N LEU B 151 5.78 -32.85 -22.69
CA LEU B 151 6.86 -32.91 -21.74
C LEU B 151 6.26 -33.35 -20.43
N ALA B 152 7.04 -34.09 -19.67
CA ALA B 152 6.55 -34.62 -18.46
C ALA B 152 6.53 -33.61 -17.35
N VAL B 153 7.06 -32.41 -17.59
CA VAL B 153 7.09 -31.35 -16.59
C VAL B 153 6.56 -30.06 -17.21
N SER B 154 5.81 -29.28 -16.44
CA SER B 154 5.16 -28.06 -16.89
C SER B 154 5.21 -27.01 -15.78
N ALA B 155 4.99 -25.75 -16.16
CA ALA B 155 5.12 -24.66 -15.21
C ALA B 155 4.12 -24.81 -14.07
N PRO B 156 4.47 -24.35 -12.86
CA PRO B 156 3.52 -24.40 -11.75
C PRO B 156 2.12 -23.89 -12.07
N SER B 157 1.99 -22.72 -12.70
CA SER B 157 0.67 -22.17 -12.96
C SER B 157 -0.08 -22.92 -14.05
N VAL B 158 0.63 -23.67 -14.90
CA VAL B 158 -0.06 -24.52 -15.87
C VAL B 158 -0.78 -25.67 -15.17
N TRP B 159 -0.10 -26.32 -14.20
CA TRP B 159 -0.77 -27.31 -13.36
C TRP B 159 -2.01 -26.73 -12.71
N GLN B 160 -1.89 -25.52 -12.16
CA GLN B 160 -2.99 -24.96 -11.39
C GLN B 160 -4.15 -24.51 -12.27
N GLN B 161 -3.89 -24.23 -13.55
CA GLN B 161 -4.94 -23.82 -14.48
C GLN B 161 -5.56 -25.00 -15.22
N THR B 162 -5.21 -26.22 -14.85
CA THR B 162 -5.83 -27.39 -15.46
C THR B 162 -7.14 -27.70 -14.74
N THR B 163 -8.18 -28.02 -15.52
CA THR B 163 -9.46 -28.36 -14.91
C THR B 163 -9.27 -29.51 -13.91
N GLY B 164 -9.93 -29.40 -12.77
CA GLY B 164 -9.74 -30.41 -11.76
C GLY B 164 -8.61 -30.16 -10.80
N SER B 165 -7.82 -29.10 -11.02
CA SER B 165 -6.65 -28.84 -10.17
C SER B 165 -7.09 -28.60 -8.73
N ALA B 166 -6.14 -28.81 -7.81
CA ALA B 166 -6.40 -28.48 -6.42
C ALA B 166 -6.73 -27.01 -6.26
N LEU B 167 -6.04 -26.14 -7.02
CA LEU B 167 -6.28 -24.70 -6.89
C LEU B 167 -7.69 -24.34 -7.34
N THR B 168 -8.10 -24.78 -8.55
CA THR B 168 -9.45 -24.41 -8.97
C THR B 168 -10.50 -25.09 -8.11
N THR B 169 -10.21 -26.29 -7.61
CA THR B 169 -11.13 -26.94 -6.67
C THR B 169 -11.30 -26.11 -5.41
N ALA B 170 -10.19 -25.66 -4.83
CA ALA B 170 -10.27 -24.89 -3.60
C ALA B 170 -10.98 -23.56 -3.83
N LEU B 171 -10.72 -22.90 -4.96
CA LEU B 171 -11.42 -21.64 -5.26
C LEU B 171 -12.93 -21.86 -5.25
N ARG B 172 -13.40 -22.88 -5.95
CA ARG B 172 -14.83 -23.15 -6.02
C ARG B 172 -15.40 -23.53 -4.65
N ASN B 173 -14.73 -24.46 -3.94
CA ASN B 173 -15.26 -24.93 -2.67
C ASN B 173 -15.28 -23.85 -1.59
N ALA B 174 -14.45 -22.82 -1.69
CA ALA B 174 -14.46 -21.72 -0.74
C ALA B 174 -15.47 -20.64 -1.09
N GLY B 175 -16.17 -20.76 -2.22
CA GLY B 175 -17.16 -19.80 -2.63
C GLY B 175 -16.75 -18.86 -3.74
N GLY B 176 -15.61 -19.12 -4.40
CA GLY B 176 -15.04 -18.17 -5.32
C GLY B 176 -15.61 -18.13 -6.72
N LEU B 177 -16.56 -18.99 -7.08
CA LEU B 177 -17.17 -18.87 -8.41
C LEU B 177 -18.40 -17.97 -8.39
N THR B 178 -18.65 -17.28 -7.29
CA THR B 178 -19.60 -16.19 -7.20
C THR B 178 -18.80 -14.88 -7.09
N GLN B 179 -19.25 -13.84 -7.79
CA GLN B 179 -18.50 -12.58 -7.75
C GLN B 179 -18.42 -12.05 -6.33
N ILE B 180 -17.31 -11.38 -6.04
CA ILE B 180 -17.04 -10.82 -4.73
C ILE B 180 -17.08 -9.30 -4.75
N VAL B 181 -16.58 -8.69 -5.82
CA VAL B 181 -16.83 -7.28 -6.12
C VAL B 181 -17.61 -7.24 -7.44
N PRO B 182 -18.23 -6.12 -7.83
CA PRO B 182 -18.90 -6.06 -9.15
C PRO B 182 -17.97 -6.48 -10.27
N THR B 183 -18.33 -7.50 -11.05
CA THR B 183 -17.40 -8.10 -12.00
C THR B 183 -18.05 -8.25 -13.37
N THR B 184 -17.27 -7.96 -14.42
CA THR B 184 -17.63 -8.24 -15.81
C THR B 184 -16.62 -9.24 -16.35
N ASN B 185 -17.11 -10.29 -17.02
CA ASN B 185 -16.27 -11.31 -17.64
C ASN B 185 -16.59 -11.34 -19.13
N LEU B 186 -15.61 -11.01 -19.97
CA LEU B 186 -15.76 -11.05 -21.43
C LEU B 186 -14.96 -12.22 -21.99
N TYR B 187 -15.64 -13.11 -22.72
CA TYR B 187 -14.97 -14.31 -23.20
C TYR B 187 -15.60 -14.77 -24.51
N SER B 188 -15.04 -15.85 -25.07
CA SER B 188 -15.39 -16.30 -26.42
C SER B 188 -15.58 -17.80 -26.45
N ALA B 189 -16.64 -18.24 -27.12
CA ALA B 189 -16.85 -19.66 -27.32
C ALA B 189 -15.75 -20.30 -28.16
N THR B 190 -15.05 -19.52 -28.97
CA THR B 190 -14.01 -20.08 -29.84
C THR B 190 -12.63 -20.01 -29.22
N ASP B 191 -12.53 -19.72 -27.93
CA ASP B 191 -11.25 -19.67 -27.23
C ASP B 191 -10.45 -20.95 -27.47
N GLU B 192 -9.21 -20.79 -27.94
CA GLU B 192 -8.35 -21.93 -28.25
C GLU B 192 -7.45 -22.34 -27.09
N ILE B 193 -7.52 -21.62 -25.97
CA ILE B 193 -6.69 -21.88 -24.80
C ILE B 193 -7.54 -22.36 -23.63
N CYS B 194 -8.68 -21.72 -23.41
CA CYS B 194 -9.55 -21.96 -22.28
C CYS B 194 -10.87 -22.53 -22.78
N GLN B 195 -11.17 -23.76 -22.35
CA GLN B 195 -12.47 -24.41 -22.59
C GLN B 195 -12.84 -25.21 -21.34
N PRO B 196 -14.14 -25.48 -21.13
CA PRO B 196 -15.29 -25.14 -21.98
C PRO B 196 -15.80 -23.70 -21.83
N GLN B 197 -16.14 -23.07 -22.97
CA GLN B 197 -16.65 -21.70 -23.00
C GLN B 197 -17.87 -21.58 -23.90
N VAL B 198 -18.44 -22.69 -24.35
CA VAL B 198 -19.40 -22.64 -25.45
C VAL B 198 -20.85 -22.51 -25.02
N SER B 199 -21.18 -22.77 -23.76
CA SER B 199 -22.58 -22.94 -23.34
C SER B 199 -23.30 -21.63 -23.04
N ASN B 200 -22.59 -20.51 -22.87
CA ASN B 200 -23.20 -19.25 -22.41
C ASN B 200 -24.02 -19.45 -21.15
N SER B 201 -23.39 -20.05 -20.14
CA SER B 201 -24.06 -20.53 -18.94
C SER B 201 -23.01 -20.77 -17.87
N PRO B 202 -23.42 -21.07 -16.63
CA PRO B 202 -22.42 -21.27 -15.56
C PRO B 202 -21.42 -22.39 -15.83
N LEU B 203 -21.65 -23.24 -16.83
CA LEU B 203 -20.65 -24.25 -17.17
C LEU B 203 -19.35 -23.64 -17.68
N ASP B 204 -19.41 -22.41 -18.21
CA ASP B 204 -18.25 -21.79 -18.85
C ASP B 204 -17.18 -21.42 -17.82
N SER B 205 -15.92 -21.60 -18.21
CA SER B 205 -14.83 -21.33 -17.27
C SER B 205 -14.78 -19.87 -16.86
N SER B 206 -15.19 -18.95 -17.74
CA SER B 206 -15.14 -17.54 -17.38
C SER B 206 -16.34 -17.03 -16.58
N TYR B 207 -17.32 -17.88 -16.27
CA TYR B 207 -18.58 -17.42 -15.67
C TYR B 207 -18.48 -17.28 -14.16
N LEU B 208 -19.01 -16.17 -13.63
CA LEU B 208 -19.15 -15.99 -12.18
C LEU B 208 -20.60 -15.69 -11.86
N PHE B 209 -21.16 -16.39 -10.87
CA PHE B 209 -22.54 -16.12 -10.47
C PHE B 209 -22.69 -14.66 -10.02
N ASN B 210 -23.77 -14.03 -10.50
CA ASN B 210 -24.13 -12.64 -10.29
C ASN B 210 -23.18 -11.66 -10.99
N GLY B 211 -22.18 -12.14 -11.74
CA GLY B 211 -21.38 -11.23 -12.52
C GLY B 211 -22.07 -10.87 -13.82
N LYS B 212 -21.48 -9.92 -14.53
CA LYS B 212 -21.95 -9.58 -15.87
C LYS B 212 -21.14 -10.43 -16.84
N ASN B 213 -21.71 -11.55 -17.25
CA ASN B 213 -21.01 -12.57 -18.03
C ASN B 213 -21.33 -12.37 -19.50
N VAL B 214 -20.33 -11.95 -20.28
CA VAL B 214 -20.53 -11.55 -21.67
C VAL B 214 -19.76 -12.52 -22.55
N GLN B 215 -20.44 -13.56 -23.04
CA GLN B 215 -19.90 -14.40 -24.12
C GLN B 215 -20.13 -13.67 -25.45
N ALA B 216 -19.04 -13.44 -26.20
CA ALA B 216 -19.15 -12.57 -27.38
C ALA B 216 -20.16 -13.11 -28.39
N GLN B 217 -20.24 -14.43 -28.52
CA GLN B 217 -21.14 -15.02 -29.49
C GLN B 217 -22.61 -14.82 -29.10
N ALA B 218 -22.89 -14.60 -27.82
CA ALA B 218 -24.27 -14.33 -27.40
C ALA B 218 -24.76 -12.99 -27.94
N VAL B 219 -23.85 -12.06 -28.21
CA VAL B 219 -24.19 -10.75 -28.76
C VAL B 219 -23.99 -10.71 -30.27
N CYS B 220 -22.89 -11.30 -30.76
CA CYS B 220 -22.45 -11.14 -32.14
C CYS B 220 -22.84 -12.30 -33.05
N GLY B 221 -23.30 -13.42 -32.49
CA GLY B 221 -23.71 -14.54 -33.32
C GLY B 221 -22.79 -15.72 -33.21
N PRO B 222 -23.30 -16.91 -33.55
CA PRO B 222 -22.51 -18.13 -33.32
C PRO B 222 -21.24 -18.22 -34.15
N LEU B 223 -21.16 -17.54 -35.29
CA LEU B 223 -20.00 -17.66 -36.17
C LEU B 223 -19.04 -16.49 -36.03
N PHE B 224 -19.22 -15.64 -35.02
CA PHE B 224 -18.26 -14.61 -34.68
C PHE B 224 -17.07 -15.27 -33.99
N VAL B 225 -15.85 -14.92 -34.42
CA VAL B 225 -14.65 -15.62 -33.99
C VAL B 225 -13.65 -14.62 -33.41
N ILE B 226 -13.31 -14.78 -32.12
CA ILE B 226 -12.16 -14.14 -31.49
C ILE B 226 -11.47 -15.18 -30.61
N ASP B 227 -10.13 -15.15 -30.56
CA ASP B 227 -9.45 -16.17 -29.79
C ASP B 227 -9.13 -15.65 -28.38
N HIS B 228 -8.22 -16.34 -27.69
CA HIS B 228 -7.93 -15.99 -26.30
C HIS B 228 -7.37 -14.56 -26.22
N ALA B 229 -6.44 -14.21 -27.12
CA ALA B 229 -5.88 -12.87 -27.17
C ALA B 229 -6.87 -11.85 -27.70
N GLY B 230 -7.66 -12.22 -28.72
CA GLY B 230 -8.65 -11.29 -29.24
C GLY B 230 -9.69 -10.91 -28.21
N SER B 231 -9.96 -11.81 -27.25
CA SER B 231 -10.85 -11.51 -26.14
C SER B 231 -10.40 -10.27 -25.36
N LEU B 232 -9.09 -10.01 -25.37
CA LEU B 232 -8.52 -8.82 -24.73
C LEU B 232 -8.45 -7.61 -25.66
N THR B 233 -8.10 -7.82 -26.93
CA THR B 233 -7.66 -6.72 -27.80
C THR B 233 -8.73 -6.18 -28.75
N SER B 234 -9.84 -6.89 -28.96
CA SER B 234 -10.76 -6.53 -30.04
C SER B 234 -11.51 -5.22 -29.74
N GLN B 235 -12.05 -4.61 -30.81
CA GLN B 235 -12.87 -3.43 -30.63
C GLN B 235 -14.14 -3.75 -29.83
N PHE B 236 -14.72 -4.94 -30.04
CA PHE B 236 -15.86 -5.35 -29.22
C PHE B 236 -15.48 -5.38 -27.74
N SER B 237 -14.31 -5.95 -27.44
CA SER B 237 -13.81 -6.01 -26.06
C SER B 237 -13.60 -4.62 -25.48
N TYR B 238 -13.14 -3.68 -26.29
CA TYR B 238 -12.95 -2.32 -25.79
C TYR B 238 -14.28 -1.69 -25.40
N VAL B 239 -15.32 -1.85 -26.24
CA VAL B 239 -16.60 -1.24 -25.93
C VAL B 239 -17.17 -1.83 -24.64
N VAL B 240 -17.07 -3.15 -24.47
CA VAL B 240 -17.54 -3.77 -23.24
C VAL B 240 -16.72 -3.29 -22.05
N GLY B 241 -15.39 -3.27 -22.17
CA GLY B 241 -14.54 -2.84 -21.07
C GLY B 241 -14.77 -1.38 -20.69
N ARG B 242 -14.93 -0.51 -21.69
CA ARG B 242 -15.23 0.89 -21.41
C ARG B 242 -16.54 1.03 -20.65
N SER B 243 -17.55 0.25 -21.03
CA SER B 243 -18.82 0.25 -20.31
C SER B 243 -18.64 -0.14 -18.85
N ALA B 244 -17.89 -1.22 -18.61
CA ALA B 244 -17.70 -1.69 -17.24
C ALA B 244 -16.98 -0.65 -16.39
N LEU B 245 -16.00 0.04 -16.98
CA LEU B 245 -15.19 0.99 -16.23
C LEU B 245 -15.97 2.27 -15.90
N ARG B 246 -16.90 2.66 -16.76
CA ARG B 246 -17.68 3.87 -16.54
C ARG B 246 -18.96 3.63 -15.75
N SER B 247 -19.44 2.38 -15.70
CA SER B 247 -20.76 2.10 -15.14
C SER B 247 -20.84 2.48 -13.66
N THR B 248 -21.99 3.08 -13.29
CA THR B 248 -22.26 3.39 -11.89
C THR B 248 -22.53 2.13 -11.08
N THR B 249 -22.81 1.00 -11.73
CA THR B 249 -23.03 -0.24 -11.01
C THR B 249 -21.77 -1.07 -10.86
N GLY B 250 -20.66 -0.67 -11.47
CA GLY B 250 -19.45 -1.47 -11.45
C GLY B 250 -19.40 -2.60 -12.45
N GLN B 251 -20.47 -2.82 -13.22
CA GLN B 251 -20.53 -3.86 -14.24
C GLN B 251 -20.91 -3.24 -15.58
N ALA B 252 -20.43 -3.84 -16.66
CA ALA B 252 -20.85 -3.41 -17.99
C ALA B 252 -22.38 -3.52 -18.11
N ARG B 253 -22.96 -2.67 -18.94
CA ARG B 253 -24.41 -2.62 -19.10
C ARG B 253 -24.76 -3.04 -20.52
N SER B 254 -25.72 -3.96 -20.63
CA SER B 254 -26.11 -4.52 -21.93
C SER B 254 -26.49 -3.44 -22.94
N ALA B 255 -27.05 -2.33 -22.47
CA ALA B 255 -27.47 -1.28 -23.39
C ALA B 255 -26.29 -0.53 -24.01
N ASP B 256 -25.08 -0.70 -23.49
CA ASP B 256 -23.93 0.06 -23.96
C ASP B 256 -23.23 -0.57 -25.15
N TYR B 257 -23.63 -1.78 -25.56
CA TYR B 257 -22.95 -2.45 -26.66
C TYR B 257 -23.97 -3.29 -27.42
N GLY B 258 -23.66 -3.58 -28.67
CA GLY B 258 -24.60 -4.30 -29.50
C GLY B 258 -23.96 -4.81 -30.76
N ILE B 259 -24.81 -5.30 -31.68
CA ILE B 259 -24.32 -6.02 -32.85
C ILE B 259 -23.40 -5.13 -33.70
N THR B 260 -23.62 -3.82 -33.72
CA THR B 260 -22.75 -2.95 -34.51
C THR B 260 -21.34 -2.83 -33.92
N ASP B 261 -21.13 -3.28 -32.69
CA ASP B 261 -19.81 -3.25 -32.08
C ASP B 261 -19.03 -4.54 -32.33
N CYS B 262 -19.57 -5.44 -33.13
CA CYS B 262 -18.99 -6.78 -33.30
C CYS B 262 -17.85 -6.73 -34.30
N ASN B 263 -16.73 -6.15 -33.85
CA ASN B 263 -15.52 -6.06 -34.65
C ASN B 263 -14.41 -6.85 -33.94
N PRO B 264 -13.93 -7.95 -34.54
CA PRO B 264 -12.97 -8.82 -33.85
C PRO B 264 -11.53 -8.36 -33.94
N LEU B 265 -11.26 -7.32 -34.71
CA LEU B 265 -9.92 -6.81 -34.94
C LEU B 265 -9.53 -5.83 -33.85
N PRO B 266 -8.24 -5.49 -33.75
CA PRO B 266 -7.78 -4.64 -32.64
C PRO B 266 -8.52 -3.31 -32.56
N ALA B 267 -8.70 -2.86 -31.31
CA ALA B 267 -9.50 -1.67 -30.98
C ALA B 267 -9.12 -0.49 -31.85
N ASN B 268 -10.15 0.24 -32.31
CA ASN B 268 -9.94 1.27 -33.34
C ASN B 268 -8.95 2.35 -32.89
N ASP B 269 -8.99 2.71 -31.61
CA ASP B 269 -8.20 3.83 -31.09
C ASP B 269 -6.72 3.51 -30.91
N LEU B 270 -6.32 2.25 -31.11
CA LEU B 270 -4.90 1.90 -31.06
C LEU B 270 -4.17 2.47 -32.26
N THR B 271 -2.89 2.81 -32.05
CA THR B 271 -2.05 3.25 -33.17
C THR B 271 -1.81 2.09 -34.11
N PRO B 272 -1.36 2.35 -35.34
CA PRO B 272 -1.03 1.24 -36.25
C PRO B 272 -0.05 0.25 -35.63
N GLU B 273 1.03 0.75 -35.05
CA GLU B 273 2.00 -0.11 -34.37
C GLU B 273 1.35 -0.93 -33.27
N GLN B 274 0.48 -0.30 -32.49
CA GLN B 274 -0.23 -1.03 -31.44
C GLN B 274 -1.14 -2.10 -32.03
N LYS B 275 -1.85 -1.77 -33.12
CA LYS B 275 -2.73 -2.77 -33.74
C LYS B 275 -1.94 -3.96 -34.28
N VAL B 276 -0.78 -3.71 -34.86
CA VAL B 276 0.05 -4.81 -35.35
C VAL B 276 0.48 -5.70 -34.20
N ALA B 277 0.95 -5.08 -33.12
CA ALA B 277 1.36 -5.83 -31.94
C ALA B 277 0.18 -6.54 -31.30
N ALA B 278 -0.99 -5.90 -31.32
CA ALA B 278 -2.18 -6.55 -30.76
C ALA B 278 -2.57 -7.78 -31.56
N ALA B 279 -2.59 -7.66 -32.89
CA ALA B 279 -2.90 -8.81 -33.73
C ALA B 279 -1.89 -9.92 -33.54
N ALA B 280 -0.65 -9.57 -33.21
CA ALA B 280 0.38 -10.57 -33.00
C ALA B 280 0.45 -11.04 -31.56
N LEU B 281 -0.44 -10.58 -30.69
CA LEU B 281 -0.40 -11.00 -29.31
C LEU B 281 -0.51 -12.50 -29.20
N LEU B 282 0.30 -13.06 -28.34
CA LEU B 282 0.43 -14.48 -28.20
C LEU B 282 -0.06 -15.08 -26.92
N ALA B 283 -1.05 -15.92 -27.01
CA ALA B 283 -1.55 -16.46 -25.78
C ALA B 283 -0.42 -16.73 -24.77
N PRO B 284 0.58 -17.52 -25.14
CA PRO B 284 1.67 -17.84 -24.21
C PRO B 284 3.10 -17.65 -24.77
N GLY B 285 3.86 -16.66 -24.29
CA GLY B 285 5.22 -16.40 -24.76
C GLY B 285 6.13 -17.64 -24.82
N VAL B 286 6.47 -18.05 -26.02
CA VAL B 286 7.28 -19.24 -26.22
C VAL B 286 8.70 -19.17 -25.68
N ALA B 287 9.31 -17.99 -25.69
CA ALA B 287 10.66 -17.88 -25.15
C ALA B 287 10.58 -18.20 -23.68
N ALA B 288 9.60 -17.62 -23.01
CA ALA B 288 9.31 -17.86 -21.62
C ALA B 288 8.95 -19.32 -21.35
N ILE B 289 8.09 -19.94 -22.17
CA ILE B 289 7.61 -21.35 -22.01
C ILE B 289 8.53 -22.42 -22.63
N VAL B 290 9.57 -21.93 -23.22
CA VAL B 290 10.63 -22.80 -23.66
C VAL B 290 11.34 -22.88 -22.31
N ALA B 291 11.80 -21.74 -21.78
CA ALA B 291 12.42 -21.66 -20.48
C ALA B 291 11.40 -21.64 -19.32
N GLY B 292 11.84 -21.14 -18.19
CA GLY B 292 10.98 -21.09 -17.04
C GLY B 292 10.91 -22.36 -16.22
N PRO B 293 10.34 -22.23 -15.05
CA PRO B 293 10.22 -23.34 -14.14
C PRO B 293 9.22 -24.37 -14.62
N LYS B 294 9.52 -25.63 -14.33
CA LYS B 294 8.70 -26.75 -14.75
C LYS B 294 8.82 -27.85 -13.70
N GLN B 295 7.70 -28.52 -13.42
CA GLN B 295 7.68 -29.59 -12.43
C GLN B 295 6.63 -30.63 -12.81
N ASN B 296 6.68 -31.78 -12.14
CA ASN B 296 5.83 -32.91 -12.50
C ASN B 296 4.61 -33.04 -11.58
N CYS B 297 4.26 -31.97 -10.85
CA CYS B 297 3.19 -32.04 -9.87
C CYS B 297 2.62 -30.66 -9.65
N GLU B 298 1.39 -30.60 -9.13
CA GLU B 298 0.82 -29.29 -8.86
C GLU B 298 1.38 -28.72 -7.56
N PRO B 299 1.74 -27.44 -7.52
CA PRO B 299 2.25 -26.86 -6.27
C PRO B 299 1.27 -27.07 -5.12
N ASP B 300 1.82 -27.27 -3.94
CA ASP B 300 1.01 -27.42 -2.73
C ASP B 300 0.14 -26.19 -2.52
N LEU B 301 -1.05 -26.41 -2.00
CA LEU B 301 -1.88 -25.27 -1.59
C LEU B 301 -1.32 -24.65 -0.32
N MET B 302 -1.36 -23.32 -0.25
N MET B 302 -1.35 -23.32 -0.25
CA MET B 302 -0.99 -22.63 0.97
CA MET B 302 -0.99 -22.63 0.98
C MET B 302 -1.95 -23.04 2.10
C MET B 302 -1.93 -23.05 2.10
N PRO B 303 -1.51 -22.90 3.36
CA PRO B 303 -2.38 -23.34 4.47
C PRO B 303 -3.77 -22.72 4.47
N TYR B 304 -3.91 -21.45 4.06
CA TYR B 304 -5.23 -20.84 4.09
C TYR B 304 -6.21 -21.50 3.12
N ALA B 305 -5.72 -22.20 2.09
CA ALA B 305 -6.58 -22.80 1.08
C ALA B 305 -6.68 -24.31 1.20
N ARG B 306 -5.77 -24.94 1.94
CA ARG B 306 -5.80 -26.39 2.12
C ARG B 306 -7.13 -26.98 2.57
N PRO B 307 -7.88 -26.39 3.51
CA PRO B 307 -9.11 -27.05 3.96
C PRO B 307 -10.19 -27.15 2.90
N PHE B 308 -10.07 -26.39 1.80
CA PHE B 308 -11.08 -26.34 0.75
C PHE B 308 -10.79 -27.29 -0.40
N ALA B 309 -9.73 -28.08 -0.34
CA ALA B 309 -9.50 -29.05 -1.41
C ALA B 309 -9.02 -30.37 -0.82
N VAL B 310 -9.56 -30.75 0.35
CA VAL B 310 -9.23 -32.03 0.95
C VAL B 310 -9.52 -33.15 -0.04
N GLY B 311 -8.58 -34.08 -0.15
CA GLY B 311 -8.69 -35.19 -1.07
C GLY B 311 -7.89 -35.03 -2.35
N LYS B 312 -7.58 -33.80 -2.75
CA LYS B 312 -6.81 -33.59 -3.96
C LYS B 312 -5.32 -33.90 -3.70
N ARG B 313 -4.56 -34.02 -4.77
CA ARG B 313 -3.17 -34.44 -4.72
C ARG B 313 -2.27 -33.32 -5.22
N THR B 314 -1.28 -32.93 -4.40
CA THR B 314 -0.28 -31.95 -4.84
C THR B 314 1.13 -32.52 -4.63
N CYS B 315 2.16 -31.70 -4.80
CA CYS B 315 3.54 -32.20 -4.82
C CYS B 315 3.90 -32.96 -3.55
N SER B 316 3.49 -32.45 -2.39
CA SER B 316 3.84 -33.08 -1.12
C SER B 316 2.92 -34.21 -0.71
N GLY B 317 1.81 -34.42 -1.40
CA GLY B 317 0.87 -35.46 -1.03
C GLY B 317 -0.58 -35.04 -0.96
N ILE B 318 -1.37 -35.75 -0.16
CA ILE B 318 -2.81 -35.55 -0.10
C ILE B 318 -3.13 -34.32 0.71
N VAL B 319 -4.01 -33.49 0.19
CA VAL B 319 -4.44 -32.30 0.87
C VAL B 319 -5.31 -32.64 2.09
N THR B 320 -4.95 -32.13 3.27
CA THR B 320 -5.70 -32.38 4.52
C THR B 320 -6.05 -31.11 5.28
N PRO B 321 -7.12 -31.09 6.07
CA PRO B 321 -7.49 -29.89 6.80
C PRO B 321 -6.57 -29.56 7.95
#